data_1JKX
#
_entry.id   1JKX
#
_cell.length_a   55.140
_cell.length_b   56.010
_cell.length_c   76.130
_cell.angle_alpha   80.83
_cell.angle_beta   71.71
_cell.angle_gamma   83.69
#
_symmetry.space_group_name_H-M   'P 1'
#
loop_
_entity.id
_entity.type
_entity.pdbx_description
1 polymer 'PHOSPHORIBOSYLGLYCINAMIDE FORMYLTRANSFERASE'
2 non-polymer "N-[5'-O-PHOSPHONO-RIBOFURANOSYL]-2-[2-HYDROXY-2-[4-[GLUTAMIC ACID]-N-CARBONYLPHENYL]-3-[2-AMINO-4-HYDROXY-QUINAZOLIN-6-YL]-PROPANYLAMINO]-ACETAMIDE"
3 water water
#
_entity_poly.entity_id   1
_entity_poly.type   'polypeptide(L)'
_entity_poly.pdbx_seq_one_letter_code
;MNIVVLISGNGSNLQAIIDACKTNKIKGTVRAVFSNKADAFGLERARQAGIATHTLIASAFDSREAYDRELIHEIDMYAP
DVVVLAGFMRILSPAFVSHYAGRLLNIHPSLLPKYPGLHTHRQALENGDEEHGTSVHFVTDELDGGPVILQAKVPVFAGD
SEDDITARVQTQEHAIYPLVISWFADGRLKMHENAAWLDGQRLPPQGYAADE
;
_entity_poly.pdbx_strand_id   A,B,C,D
#
# COMPACT_ATOMS: atom_id res chain seq x y z
N MET A 1 2.37 11.24 6.92
CA MET A 1 1.73 11.49 8.24
C MET A 1 2.79 11.60 9.33
N ASN A 2 3.13 12.83 9.70
CA ASN A 2 4.14 13.08 10.73
C ASN A 2 3.52 13.30 12.10
N ILE A 3 3.94 12.47 13.05
CA ILE A 3 3.43 12.58 14.41
C ILE A 3 4.54 13.09 15.33
N VAL A 4 4.21 14.02 16.21
CA VAL A 4 5.17 14.52 17.19
C VAL A 4 4.46 14.26 18.51
N VAL A 5 5.14 13.53 19.39
CA VAL A 5 4.57 13.17 20.68
C VAL A 5 5.25 13.92 21.82
N LEU A 6 4.44 14.46 22.74
CA LEU A 6 4.96 15.17 23.91
C LEU A 6 4.71 14.28 25.13
N ILE A 7 5.76 14.10 25.93
CA ILE A 7 5.67 13.25 27.13
C ILE A 7 6.33 13.90 28.35
N SER A 8 6.11 13.31 29.52
CA SER A 8 6.75 13.82 30.73
C SER A 8 7.33 12.66 31.55
N GLY A 9 6.91 11.44 31.23
CA GLY A 9 7.37 10.30 32.01
C GLY A 9 7.67 8.96 31.35
N ASN A 10 7.07 7.92 31.90
CA ASN A 10 7.29 6.56 31.45
C ASN A 10 7.23 6.34 29.96
N GLY A 11 6.19 6.84 29.31
CA GLY A 11 6.09 6.67 27.88
C GLY A 11 5.43 5.39 27.37
N SER A 12 4.62 4.73 28.19
CA SER A 12 3.96 3.52 27.73
C SER A 12 2.97 3.82 26.60
N ASN A 13 2.35 5.00 26.64
CA ASN A 13 1.41 5.36 25.58
C ASN A 13 2.21 5.66 24.33
N LEU A 14 3.31 6.39 24.49
CA LEU A 14 4.21 6.69 23.37
C LEU A 14 4.61 5.36 22.72
N GLN A 15 4.94 4.36 23.54
CA GLN A 15 5.36 3.07 23.00
C GLN A 15 4.27 2.39 22.16
N ALA A 16 3.04 2.43 22.65
CA ALA A 16 1.92 1.82 21.94
C ALA A 16 1.75 2.51 20.58
N ILE A 17 2.02 3.81 20.55
CA ILE A 17 1.91 4.57 19.31
C ILE A 17 3.04 4.15 18.36
N ILE A 18 4.26 4.11 18.87
CA ILE A 18 5.41 3.69 18.07
C ILE A 18 5.13 2.29 17.49
N ASP A 19 4.66 1.40 18.35
CA ASP A 19 4.38 0.03 17.92
C ASP A 19 3.34 -0.04 16.80
N ALA A 20 2.28 0.75 16.94
CA ALA A 20 1.21 0.76 15.94
C ALA A 20 1.69 1.37 14.61
N CYS A 21 2.65 2.29 14.66
CA CYS A 21 3.18 2.86 13.41
C CYS A 21 4.02 1.79 12.73
N LYS A 22 4.74 1.01 13.52
CA LYS A 22 5.61 -0.02 12.97
C LYS A 22 4.81 -1.10 12.24
N THR A 23 3.65 -1.46 12.78
CA THR A 23 2.80 -2.49 12.17
C THR A 23 1.95 -1.88 11.04
N ASN A 24 2.05 -0.56 10.92
CA ASN A 24 1.28 0.20 9.94
C ASN A 24 -0.21 0.26 10.30
N LYS A 25 -0.54 -0.01 11.58
CA LYS A 25 -1.94 0.10 12.00
C LYS A 25 -2.21 1.61 11.92
N ILE A 26 -1.20 2.39 12.31
CA ILE A 26 -1.26 3.84 12.16
C ILE A 26 -0.40 4.03 10.90
N LYS A 27 -0.97 4.60 9.85
CA LYS A 27 -0.23 4.82 8.60
C LYS A 27 0.53 6.15 8.72
N GLY A 28 1.56 6.11 9.55
CA GLY A 28 2.34 7.30 9.81
C GLY A 28 3.54 6.97 10.65
N THR A 29 4.28 8.01 11.03
CA THR A 29 5.50 7.83 11.79
C THR A 29 5.69 8.86 12.88
N VAL A 30 6.24 8.43 14.02
CA VAL A 30 6.54 9.36 15.09
C VAL A 30 7.90 9.93 14.67
N ARG A 31 7.89 11.21 14.30
CA ARG A 31 9.09 11.89 13.83
C ARG A 31 9.97 12.47 14.94
N ALA A 32 9.34 12.80 16.08
CA ALA A 32 10.10 13.35 17.18
C ALA A 32 9.32 13.23 18.47
N VAL A 33 10.06 13.21 19.57
CA VAL A 33 9.48 13.12 20.90
C VAL A 33 10.05 14.25 21.76
N PHE A 34 9.15 15.02 22.36
CA PHE A 34 9.54 16.13 23.23
C PHE A 34 9.14 15.84 24.67
N SER A 35 9.98 16.26 25.61
CA SER A 35 9.70 16.05 27.02
C SER A 35 10.11 17.29 27.80
N ASN A 36 9.41 17.55 28.92
CA ASN A 36 9.75 18.68 29.76
C ASN A 36 10.56 18.15 30.94
N LYS A 37 10.85 16.85 30.93
CA LYS A 37 11.63 16.21 31.98
C LYS A 37 12.75 15.39 31.35
N ALA A 38 13.99 15.72 31.70
CA ALA A 38 15.15 15.02 31.15
C ALA A 38 15.22 13.55 31.51
N ASP A 39 14.71 13.19 32.68
CA ASP A 39 14.76 11.78 33.11
C ASP A 39 13.59 10.91 32.65
N ALA A 40 12.69 11.43 31.83
CA ALA A 40 11.56 10.64 31.36
C ALA A 40 12.04 9.39 30.62
N PHE A 41 11.56 8.21 31.03
CA PHE A 41 11.97 7.00 30.34
C PHE A 41 11.46 6.98 28.91
N GLY A 42 10.43 7.77 28.64
CA GLY A 42 9.89 7.83 27.29
C GLY A 42 10.93 8.30 26.30
N LEU A 43 11.87 9.12 26.77
CA LEU A 43 12.93 9.60 25.89
C LEU A 43 13.82 8.44 25.50
N GLU A 44 14.02 7.51 26.43
CA GLU A 44 14.84 6.33 26.14
C GLU A 44 14.13 5.43 25.14
N ARG A 45 12.82 5.27 25.28
CA ARG A 45 12.05 4.46 24.35
C ARG A 45 12.23 5.04 22.95
N ALA A 46 12.19 6.37 22.86
CA ALA A 46 12.34 7.04 21.56
C ALA A 46 13.75 6.85 21.01
N ARG A 47 14.75 7.05 21.85
CA ARG A 47 16.14 6.91 21.43
C ARG A 47 16.41 5.50 20.91
N GLN A 48 15.88 4.50 21.60
CA GLN A 48 16.07 3.11 21.16
C GLN A 48 15.38 2.83 19.83
N ALA A 49 14.34 3.61 19.52
CA ALA A 49 13.63 3.44 18.27
C ALA A 49 14.23 4.30 17.16
N GLY A 50 15.27 5.05 17.52
CA GLY A 50 15.95 5.90 16.54
C GLY A 50 15.13 7.13 16.20
N ILE A 51 14.34 7.59 17.17
CA ILE A 51 13.50 8.77 16.98
C ILE A 51 14.12 10.00 17.63
N ALA A 52 14.11 11.12 16.91
CA ALA A 52 14.68 12.35 17.43
C ALA A 52 14.02 12.77 18.74
N THR A 53 14.82 13.22 19.70
CA THR A 53 14.29 13.65 20.98
C THR A 53 14.76 15.06 21.32
N HIS A 54 13.91 15.77 22.07
CA HIS A 54 14.18 17.13 22.50
C HIS A 54 13.62 17.28 23.89
N THR A 55 14.34 17.99 24.74
CA THR A 55 13.89 18.24 26.10
C THR A 55 13.95 19.74 26.36
N LEU A 56 12.85 20.29 26.88
CA LEU A 56 12.80 21.70 27.23
C LEU A 56 12.49 21.77 28.71
N ILE A 57 13.48 22.19 29.50
CA ILE A 57 13.32 22.29 30.95
C ILE A 57 12.81 23.69 31.31
N ALA A 58 11.81 23.75 32.18
CA ALA A 58 11.21 25.02 32.59
C ALA A 58 12.20 26.09 33.08
N SER A 59 13.15 25.69 33.91
CA SER A 59 14.13 26.61 34.45
C SER A 59 15.00 27.30 33.40
N ALA A 60 14.94 26.83 32.16
CA ALA A 60 15.74 27.44 31.10
C ALA A 60 15.00 28.58 30.42
N PHE A 61 13.77 28.82 30.87
CA PHE A 61 12.93 29.88 30.30
C PHE A 61 12.44 30.80 31.42
N ASP A 62 12.27 32.07 31.10
CA ASP A 62 11.83 33.02 32.10
C ASP A 62 10.33 33.32 32.05
N SER A 63 9.59 32.58 31.24
CA SER A 63 8.14 32.78 31.15
C SER A 63 7.50 31.62 30.41
N ARG A 64 6.23 31.36 30.73
CA ARG A 64 5.53 30.27 30.07
C ARG A 64 5.43 30.59 28.58
N GLU A 65 5.35 31.88 28.26
CA GLU A 65 5.26 32.29 26.86
C GLU A 65 6.53 31.96 26.09
N ALA A 66 7.68 32.24 26.68
CA ALA A 66 8.96 31.97 26.03
C ALA A 66 9.15 30.48 25.82
N TYR A 67 8.72 29.69 26.81
CA TYR A 67 8.84 28.24 26.75
C TYR A 67 8.06 27.70 25.55
N ASP A 68 6.79 28.08 25.45
CA ASP A 68 5.98 27.61 24.32
C ASP A 68 6.46 28.16 22.99
N ARG A 69 7.09 29.32 22.99
CA ARG A 69 7.59 29.90 21.75
C ARG A 69 8.66 28.98 21.19
N GLU A 70 9.57 28.55 22.06
CA GLU A 70 10.64 27.64 21.65
C GLU A 70 10.07 26.27 21.31
N LEU A 71 9.10 25.81 22.08
CA LEU A 71 8.48 24.52 21.85
C LEU A 71 7.85 24.47 20.45
N ILE A 72 7.10 25.53 20.10
CA ILE A 72 6.47 25.62 18.78
C ILE A 72 7.56 25.62 17.70
N HIS A 73 8.61 26.41 17.95
CA HIS A 73 9.71 26.52 17.02
C HIS A 73 10.36 25.17 16.73
N GLU A 74 10.64 24.42 17.79
CA GLU A 74 11.27 23.11 17.62
C GLU A 74 10.32 22.06 17.03
N ILE A 75 9.07 22.01 17.52
CA ILE A 75 8.11 21.05 16.99
C ILE A 75 7.89 21.24 15.49
N ASP A 76 7.72 22.49 15.08
CA ASP A 76 7.48 22.76 13.66
C ASP A 76 8.59 22.32 12.72
N MET A 77 9.79 22.10 13.24
CA MET A 77 10.87 21.64 12.39
C MET A 77 10.51 20.28 11.79
N TYR A 78 9.61 19.56 12.45
CA TYR A 78 9.19 18.23 11.98
C TYR A 78 7.89 18.26 11.16
N ALA A 79 7.35 19.45 10.93
CA ALA A 79 6.12 19.61 10.17
C ALA A 79 5.10 18.55 10.57
N PRO A 80 4.69 18.57 11.84
CA PRO A 80 3.72 17.58 12.31
C PRO A 80 2.35 17.75 11.69
N ASP A 81 1.70 16.62 11.44
CA ASP A 81 0.33 16.63 10.93
C ASP A 81 -0.55 16.48 12.16
N VAL A 82 0.04 15.98 13.23
CA VAL A 82 -0.70 15.82 14.48
C VAL A 82 0.29 15.87 15.62
N VAL A 83 -0.08 16.57 16.70
CA VAL A 83 0.76 16.68 17.89
C VAL A 83 -0.01 15.92 18.96
N VAL A 84 0.65 14.93 19.55
CA VAL A 84 0.03 14.07 20.53
C VAL A 84 0.58 14.23 21.94
N LEU A 85 -0.29 14.61 22.88
CA LEU A 85 0.13 14.74 24.27
C LEU A 85 -0.11 13.36 24.89
N ALA A 86 0.96 12.73 25.35
CA ALA A 86 0.87 11.40 25.94
C ALA A 86 1.56 11.40 27.28
N GLY A 87 0.85 11.89 28.29
CA GLY A 87 1.42 11.98 29.61
C GLY A 87 2.23 13.26 29.77
N PHE A 88 1.94 14.28 28.96
CA PHE A 88 2.66 15.54 29.07
C PHE A 88 2.01 16.30 30.23
N MET A 89 2.76 16.51 31.30
CA MET A 89 2.21 17.15 32.50
C MET A 89 2.53 18.63 32.70
N ARG A 90 2.44 19.40 31.63
CA ARG A 90 2.69 20.83 31.70
C ARG A 90 1.63 21.52 30.87
N ILE A 91 0.97 22.52 31.46
CA ILE A 91 -0.08 23.27 30.77
C ILE A 91 0.48 23.95 29.53
N LEU A 92 -0.24 23.82 28.42
CA LEU A 92 0.16 24.44 27.16
C LEU A 92 -0.65 25.74 27.03
N SER A 93 0.04 26.82 26.69
CA SER A 93 -0.59 28.13 26.56
C SER A 93 -1.59 28.23 25.43
N PRO A 94 -2.49 29.22 25.49
CA PRO A 94 -3.50 29.41 24.45
C PRO A 94 -2.83 29.59 23.08
N ALA A 95 -1.67 30.26 23.06
CA ALA A 95 -0.94 30.46 21.80
C ALA A 95 -0.54 29.12 21.19
N PHE A 96 -0.14 28.19 22.04
CA PHE A 96 0.26 26.87 21.56
C PHE A 96 -0.96 26.13 21.03
N VAL A 97 -2.04 26.16 21.79
CA VAL A 97 -3.27 25.48 21.40
C VAL A 97 -3.79 25.99 20.06
N SER A 98 -3.75 27.31 19.87
CA SER A 98 -4.21 27.91 18.64
C SER A 98 -3.34 27.52 17.45
N HIS A 99 -2.02 27.50 17.68
CA HIS A 99 -1.06 27.16 16.63
C HIS A 99 -1.29 25.76 16.06
N TYR A 100 -1.72 24.84 16.91
CA TYR A 100 -1.97 23.47 16.49
C TYR A 100 -3.46 23.13 16.53
N ALA A 101 -4.29 24.13 16.32
CA ALA A 101 -5.74 23.95 16.34
C ALA A 101 -6.18 22.86 15.37
N GLY A 102 -6.94 21.89 15.87
CA GLY A 102 -7.42 20.82 15.03
C GLY A 102 -6.46 19.66 14.81
N ARG A 103 -5.24 19.79 15.31
CA ARG A 103 -4.27 18.72 15.17
C ARG A 103 -3.52 18.45 16.46
N LEU A 104 -4.15 18.79 17.58
CA LEU A 104 -3.55 18.58 18.90
C LEU A 104 -4.46 17.62 19.66
N LEU A 105 -3.92 16.47 20.05
CA LEU A 105 -4.67 15.45 20.77
C LEU A 105 -4.12 15.27 22.18
N ASN A 106 -4.98 14.83 23.08
CA ASN A 106 -4.60 14.58 24.46
C ASN A 106 -5.35 13.37 24.99
N ILE A 107 -4.78 12.71 26.00
CA ILE A 107 -5.45 11.57 26.61
C ILE A 107 -5.53 11.92 28.10
N HIS A 108 -6.72 11.79 28.65
CA HIS A 108 -6.96 12.12 30.04
C HIS A 108 -7.51 10.88 30.75
N PRO A 109 -6.85 10.45 31.82
CA PRO A 109 -7.26 9.26 32.58
C PRO A 109 -8.48 9.36 33.49
N SER A 110 -9.62 9.70 32.90
CA SER A 110 -10.86 9.76 33.64
C SER A 110 -12.01 9.75 32.65
N LEU A 111 -13.21 9.47 33.14
CA LEU A 111 -14.39 9.49 32.30
C LEU A 111 -14.91 10.91 32.34
N LEU A 112 -14.34 11.76 31.49
CA LEU A 112 -14.76 13.17 31.43
C LEU A 112 -16.27 13.19 31.21
N PRO A 113 -16.95 14.24 31.72
CA PRO A 113 -16.43 15.40 32.46
C PRO A 113 -15.99 15.19 33.91
N LYS A 114 -16.03 13.96 34.41
CA LYS A 114 -15.62 13.71 35.78
C LYS A 114 -14.11 13.77 35.94
N TYR A 115 -13.66 14.27 37.09
CA TYR A 115 -12.23 14.40 37.40
C TYR A 115 -11.37 14.97 36.28
N PRO A 116 -11.67 16.20 35.84
CA PRO A 116 -10.93 16.86 34.76
C PRO A 116 -9.50 17.28 35.12
N GLY A 117 -9.16 17.20 36.41
CA GLY A 117 -7.84 17.61 36.86
C GLY A 117 -6.80 16.53 37.07
N LEU A 118 -6.05 16.65 38.16
CA LEU A 118 -4.98 15.71 38.50
C LEU A 118 -5.46 14.64 39.47
N HIS A 119 -4.63 13.62 39.67
CA HIS A 119 -4.92 12.53 40.59
C HIS A 119 -6.28 11.87 40.35
N THR A 120 -6.57 11.55 39.10
CA THR A 120 -7.84 10.94 38.73
C THR A 120 -8.06 9.56 39.34
N HIS A 121 -7.04 8.72 39.31
CA HIS A 121 -7.17 7.37 39.87
C HIS A 121 -7.42 7.45 41.37
N ARG A 122 -6.68 8.33 42.04
CA ARG A 122 -6.83 8.52 43.48
C ARG A 122 -8.26 8.90 43.81
N GLN A 123 -8.82 9.85 43.06
CA GLN A 123 -10.19 10.31 43.29
C GLN A 123 -11.24 9.24 43.02
N ALA A 124 -11.03 8.44 41.99
CA ALA A 124 -11.97 7.38 41.65
C ALA A 124 -12.06 6.36 42.78
N LEU A 125 -10.91 5.93 43.28
CA LEU A 125 -10.85 4.96 44.37
C LEU A 125 -11.42 5.52 45.68
N GLU A 126 -10.96 6.71 46.07
CA GLU A 126 -11.42 7.32 47.33
C GLU A 126 -12.91 7.64 47.34
N ASN A 127 -13.49 7.95 46.18
CA ASN A 127 -14.92 8.24 46.13
C ASN A 127 -15.72 6.96 45.91
N GLY A 128 -15.02 5.82 45.89
CA GLY A 128 -15.66 4.54 45.72
C GLY A 128 -16.44 4.34 44.43
N ASP A 129 -15.94 4.90 43.33
CA ASP A 129 -16.61 4.75 42.05
C ASP A 129 -16.63 3.29 41.60
N GLU A 130 -17.69 2.94 40.87
CA GLU A 130 -17.91 1.59 40.34
C GLU A 130 -17.24 1.43 38.97
N GLU A 131 -17.03 2.56 38.31
CA GLU A 131 -16.41 2.59 36.99
C GLU A 131 -15.38 3.71 36.91
N HIS A 132 -14.41 3.53 36.03
CA HIS A 132 -13.35 4.52 35.84
C HIS A 132 -12.98 4.40 34.36
N GLY A 133 -11.98 5.15 33.92
CA GLY A 133 -11.63 5.05 32.51
C GLY A 133 -10.71 6.14 32.01
N THR A 134 -10.71 6.31 30.70
CA THR A 134 -9.85 7.28 30.05
C THR A 134 -10.57 7.91 28.86
N SER A 135 -10.15 9.12 28.50
CA SER A 135 -10.76 9.85 27.40
C SER A 135 -9.73 10.51 26.49
N VAL A 136 -9.88 10.31 25.18
CA VAL A 136 -8.98 10.96 24.24
C VAL A 136 -9.80 12.12 23.68
N HIS A 137 -9.21 13.31 23.60
CA HIS A 137 -9.93 14.45 23.08
C HIS A 137 -9.07 15.42 22.28
N PHE A 138 -9.72 16.25 21.48
CA PHE A 138 -9.02 17.27 20.72
C PHE A 138 -8.81 18.38 21.75
N VAL A 139 -7.64 19.00 21.76
CA VAL A 139 -7.37 20.07 22.71
C VAL A 139 -7.73 21.41 22.08
N THR A 140 -8.62 22.15 22.74
CA THR A 140 -9.02 23.47 22.25
C THR A 140 -8.88 24.45 23.40
N ASP A 141 -9.14 25.73 23.13
CA ASP A 141 -9.03 26.77 24.14
C ASP A 141 -10.25 26.81 25.06
N GLU A 142 -11.21 25.93 24.81
CA GLU A 142 -12.42 25.86 25.61
C GLU A 142 -12.07 25.53 27.06
N LEU A 143 -12.96 25.88 27.98
CA LEU A 143 -12.71 25.64 29.39
C LEU A 143 -12.65 24.16 29.75
N ASP A 144 -13.35 23.32 28.99
CA ASP A 144 -13.34 21.89 29.27
C ASP A 144 -12.19 21.18 28.56
N GLY A 145 -11.41 21.93 27.80
CA GLY A 145 -10.28 21.34 27.12
C GLY A 145 -10.50 20.87 25.69
N GLY A 146 -11.76 20.76 25.27
CA GLY A 146 -12.02 20.30 23.91
C GLY A 146 -12.94 19.11 23.79
N PRO A 147 -13.49 18.85 22.59
CA PRO A 147 -14.41 17.74 22.32
C PRO A 147 -13.79 16.36 22.47
N VAL A 148 -14.49 15.50 23.19
CA VAL A 148 -14.04 14.12 23.41
C VAL A 148 -14.25 13.30 22.14
N ILE A 149 -13.26 12.48 21.81
CA ILE A 149 -13.30 11.65 20.63
C ILE A 149 -13.70 10.21 20.95
N LEU A 150 -13.11 9.66 22.00
CA LEU A 150 -13.41 8.29 22.38
C LEU A 150 -13.05 8.04 23.83
N GLN A 151 -13.89 7.26 24.51
CA GLN A 151 -13.63 6.93 25.91
C GLN A 151 -13.59 5.42 26.06
N ALA A 152 -12.94 4.96 27.12
CA ALA A 152 -12.88 3.53 27.43
C ALA A 152 -13.16 3.47 28.92
N LYS A 153 -14.03 2.56 29.33
CA LYS A 153 -14.36 2.41 30.74
C LYS A 153 -13.79 1.11 31.29
N VAL A 154 -13.51 1.10 32.59
CA VAL A 154 -12.99 -0.10 33.25
C VAL A 154 -13.73 -0.23 34.58
N PRO A 155 -13.97 -1.47 35.03
CA PRO A 155 -14.67 -1.65 36.31
C PRO A 155 -13.71 -1.43 37.48
N VAL A 156 -14.27 -1.07 38.63
CA VAL A 156 -13.47 -0.86 39.83
C VAL A 156 -14.06 -1.78 40.90
N PHE A 157 -13.23 -2.63 41.48
CA PHE A 157 -13.67 -3.57 42.51
C PHE A 157 -13.08 -3.22 43.88
N ALA A 158 -13.76 -3.65 44.94
CA ALA A 158 -13.35 -3.37 46.31
C ALA A 158 -11.86 -3.49 46.62
N GLY A 159 -11.27 -4.64 46.28
CA GLY A 159 -9.86 -4.84 46.57
C GLY A 159 -8.84 -4.09 45.74
N ASP A 160 -9.24 -3.49 44.62
CA ASP A 160 -8.30 -2.78 43.76
C ASP A 160 -7.51 -1.67 44.45
N SER A 161 -6.21 -1.62 44.14
CA SER A 161 -5.32 -0.60 44.67
C SER A 161 -5.23 0.49 43.60
N GLU A 162 -4.62 1.62 43.93
CA GLU A 162 -4.50 2.69 42.94
C GLU A 162 -3.68 2.19 41.77
N ASP A 163 -2.64 1.42 42.05
CA ASP A 163 -1.80 0.89 40.97
C ASP A 163 -2.59 -0.08 40.11
N ASP A 164 -3.45 -0.88 40.74
CA ASP A 164 -4.28 -1.85 40.00
C ASP A 164 -5.14 -1.11 38.97
N ILE A 165 -5.84 -0.09 39.44
CA ILE A 165 -6.73 0.70 38.59
C ILE A 165 -5.96 1.48 37.52
N THR A 166 -4.84 2.06 37.91
CA THR A 166 -4.01 2.82 36.98
C THR A 166 -3.60 1.94 35.81
N ALA A 167 -3.07 0.76 36.12
CA ALA A 167 -2.63 -0.16 35.06
C ALA A 167 -3.80 -0.61 34.18
N ARG A 168 -4.95 -0.86 34.80
CA ARG A 168 -6.13 -1.31 34.08
C ARG A 168 -6.56 -0.22 33.10
N VAL A 169 -6.51 1.04 33.53
CA VAL A 169 -6.88 2.12 32.63
C VAL A 169 -5.84 2.27 31.51
N GLN A 170 -4.57 2.16 31.85
CA GLN A 170 -3.54 2.30 30.82
C GLN A 170 -3.63 1.24 29.73
N THR A 171 -4.12 0.06 30.06
CA THR A 171 -4.28 -0.98 29.05
C THR A 171 -5.31 -0.50 28.01
N GLN A 172 -6.34 0.19 28.47
CA GLN A 172 -7.34 0.71 27.54
C GLN A 172 -6.73 1.85 26.72
N GLU A 173 -5.92 2.66 27.37
CA GLU A 173 -5.26 3.77 26.68
C GLU A 173 -4.39 3.28 25.53
N HIS A 174 -3.62 2.23 25.76
CA HIS A 174 -2.73 1.68 24.74
C HIS A 174 -3.52 1.18 23.53
N ALA A 175 -4.80 0.92 23.73
CA ALA A 175 -5.65 0.46 22.64
C ALA A 175 -6.36 1.64 21.96
N ILE A 176 -7.04 2.49 22.74
CA ILE A 176 -7.77 3.57 22.09
C ILE A 176 -6.94 4.73 21.57
N TYR A 177 -5.79 5.05 22.17
CA TYR A 177 -5.05 6.20 21.64
C TYR A 177 -4.54 5.90 20.24
N PRO A 178 -3.92 4.74 20.02
CA PRO A 178 -3.46 4.46 18.66
C PRO A 178 -4.64 4.39 17.68
N LEU A 179 -5.77 3.88 18.15
CA LEU A 179 -6.96 3.79 17.29
C LEU A 179 -7.40 5.17 16.84
N VAL A 180 -7.47 6.10 17.78
CA VAL A 180 -7.88 7.46 17.46
C VAL A 180 -6.89 8.12 16.52
N ILE A 181 -5.60 7.89 16.73
CA ILE A 181 -4.59 8.46 15.87
C ILE A 181 -4.72 7.86 14.46
N SER A 182 -5.09 6.58 14.38
CA SER A 182 -5.26 5.96 13.07
C SER A 182 -6.46 6.58 12.33
N TRP A 183 -7.51 6.93 13.07
CA TRP A 183 -8.67 7.57 12.44
C TRP A 183 -8.27 8.91 11.87
N PHE A 184 -7.40 9.61 12.58
CA PHE A 184 -6.93 10.92 12.14
C PHE A 184 -6.06 10.76 10.90
N ALA A 185 -5.11 9.83 10.97
CA ALA A 185 -4.20 9.59 9.84
C ALA A 185 -4.97 9.22 8.58
N ASP A 186 -6.02 8.42 8.75
CA ASP A 186 -6.86 7.98 7.65
C ASP A 186 -7.79 9.06 7.12
N GLY A 187 -7.78 10.22 7.77
CA GLY A 187 -8.63 11.32 7.35
C GLY A 187 -10.09 11.17 7.72
N ARG A 188 -10.39 10.22 8.59
CA ARG A 188 -11.76 9.97 9.02
C ARG A 188 -12.16 10.85 10.20
N LEU A 189 -11.18 11.29 10.97
CA LEU A 189 -11.43 12.12 12.14
C LEU A 189 -10.95 13.54 11.94
N LYS A 190 -11.83 14.49 12.19
CA LYS A 190 -11.49 15.89 12.05
C LYS A 190 -12.15 16.75 13.12
N MET A 191 -11.50 17.87 13.42
CA MET A 191 -12.02 18.79 14.41
C MET A 191 -12.50 20.02 13.64
N HIS A 192 -13.69 20.50 13.97
CA HIS A 192 -14.22 21.68 13.31
C HIS A 192 -15.29 22.33 14.16
N GLU A 193 -15.14 23.63 14.40
CA GLU A 193 -16.07 24.38 15.23
C GLU A 193 -16.14 23.76 16.62
N ASN A 194 -14.97 23.45 17.16
CA ASN A 194 -14.84 22.85 18.49
C ASN A 194 -15.62 21.56 18.67
N ALA A 195 -15.82 20.83 17.58
CA ALA A 195 -16.53 19.56 17.64
C ALA A 195 -15.71 18.48 16.92
N ALA A 196 -15.83 17.24 17.38
CA ALA A 196 -15.13 16.12 16.77
C ALA A 196 -16.07 15.44 15.78
N TRP A 197 -15.58 15.18 14.57
CA TRP A 197 -16.38 14.54 13.53
C TRP A 197 -15.71 13.28 13.01
N LEU A 198 -16.40 12.14 13.11
CA LEU A 198 -15.87 10.87 12.63
C LEU A 198 -16.70 10.34 11.48
N ASP A 199 -16.08 10.22 10.30
CA ASP A 199 -16.77 9.73 9.11
C ASP A 199 -17.91 10.67 8.74
N GLY A 200 -17.74 11.96 9.02
CA GLY A 200 -18.76 12.93 8.70
C GLY A 200 -19.90 12.99 9.70
N GLN A 201 -19.72 12.33 10.84
CA GLN A 201 -20.74 12.30 11.89
C GLN A 201 -20.25 13.07 13.11
N ARG A 202 -21.05 14.04 13.57
CA ARG A 202 -20.68 14.82 14.75
C ARG A 202 -20.78 13.91 15.96
N LEU A 203 -19.67 13.76 16.69
CA LEU A 203 -19.64 12.90 17.86
C LEU A 203 -20.30 13.55 19.07
N PRO A 204 -20.98 12.74 19.89
CA PRO A 204 -21.64 13.26 21.10
C PRO A 204 -20.60 13.69 22.14
N PRO A 205 -21.03 14.36 23.21
CA PRO A 205 -20.17 14.86 24.30
C PRO A 205 -19.14 13.90 24.88
N GLN A 206 -19.46 12.61 24.97
CA GLN A 206 -18.52 11.67 25.52
C GLN A 206 -17.85 10.79 24.46
N GLY A 207 -17.81 11.30 23.24
CA GLY A 207 -17.16 10.59 22.15
C GLY A 207 -17.97 9.51 21.46
N TYR A 208 -17.33 8.86 20.50
CA TYR A 208 -17.93 7.79 19.73
C TYR A 208 -18.58 6.72 20.60
N ALA A 209 -19.83 6.38 20.30
CA ALA A 209 -20.56 5.37 21.05
C ALA A 209 -21.55 4.64 20.15
N MET B 1 4.17 12.93 6.36
CA MET B 1 4.53 12.79 4.96
C MET B 1 4.98 11.35 4.67
N ASN B 2 4.09 10.54 4.12
CA ASN B 2 4.41 9.14 3.79
C ASN B 2 4.96 8.99 2.37
N ILE B 3 6.14 8.40 2.27
CA ILE B 3 6.78 8.20 0.98
C ILE B 3 6.80 6.71 0.64
N VAL B 4 6.42 6.36 -0.58
CA VAL B 4 6.49 4.98 -1.04
C VAL B 4 7.41 5.05 -2.24
N VAL B 5 8.48 4.25 -2.21
CA VAL B 5 9.46 4.27 -3.30
C VAL B 5 9.37 3.00 -4.13
N LEU B 6 9.38 3.15 -5.44
CA LEU B 6 9.35 2.01 -6.35
C LEU B 6 10.73 1.93 -7.00
N ILE B 7 11.31 0.73 -7.01
CA ILE B 7 12.64 0.52 -7.57
C ILE B 7 12.69 -0.75 -8.42
N SER B 8 13.80 -0.95 -9.11
CA SER B 8 14.00 -2.15 -9.91
C SER B 8 15.42 -2.69 -9.71
N GLY B 9 16.32 -1.87 -9.18
CA GLY B 9 17.69 -2.31 -9.00
C GLY B 9 18.49 -1.95 -7.77
N ASN B 10 19.67 -1.39 -7.99
CA ASN B 10 20.60 -1.02 -6.93
C ASN B 10 20.02 -0.25 -5.75
N GLY B 11 19.18 0.75 -6.03
CA GLY B 11 18.59 1.51 -4.96
C GLY B 11 19.40 2.64 -4.35
N SER B 12 20.41 3.14 -5.05
CA SER B 12 21.22 4.22 -4.49
C SER B 12 20.37 5.48 -4.28
N ASN B 13 19.42 5.74 -5.18
CA ASN B 13 18.58 6.92 -5.01
C ASN B 13 17.67 6.71 -3.80
N LEU B 14 17.19 5.48 -3.64
CA LEU B 14 16.35 5.13 -2.49
C LEU B 14 17.15 5.42 -1.23
N GLN B 15 18.43 5.02 -1.21
CA GLN B 15 19.25 5.25 -0.05
C GLN B 15 19.41 6.74 0.27
N ALA B 16 19.66 7.54 -0.75
CA ALA B 16 19.81 8.98 -0.54
C ALA B 16 18.54 9.56 0.09
N ILE B 17 17.38 9.03 -0.33
CA ILE B 17 16.11 9.49 0.21
C ILE B 17 15.95 9.04 1.67
N ILE B 18 16.24 7.76 1.93
CA ILE B 18 16.17 7.27 3.29
C ILE B 18 17.08 8.12 4.18
N ASP B 19 18.29 8.38 3.72
CA ASP B 19 19.24 9.17 4.50
C ASP B 19 18.72 10.57 4.80
N ALA B 20 18.12 11.22 3.80
CA ALA B 20 17.59 12.57 3.99
C ALA B 20 16.38 12.62 4.92
N CYS B 21 15.62 11.53 4.99
CA CYS B 21 14.48 11.49 5.89
C CYS B 21 15.01 11.35 7.32
N LYS B 22 16.07 10.56 7.46
CA LYS B 22 16.70 10.34 8.76
C LYS B 22 17.22 11.64 9.40
N THR B 23 17.82 12.49 8.59
CA THR B 23 18.36 13.78 9.07
C THR B 23 17.27 14.85 9.13
N ASN B 24 16.06 14.47 8.71
CA ASN B 24 14.90 15.35 8.67
C ASN B 24 15.07 16.45 7.62
N LYS B 25 15.98 16.25 6.66
CA LYS B 25 16.14 17.22 5.58
C LYS B 25 14.83 17.09 4.78
N ILE B 26 14.34 15.86 4.69
CA ILE B 26 13.05 15.59 4.09
C ILE B 26 12.19 15.37 5.34
N LYS B 27 11.15 16.18 5.50
CA LYS B 27 10.28 16.06 6.68
C LYS B 27 9.23 14.98 6.40
N GLY B 28 9.70 13.75 6.33
CA GLY B 28 8.83 12.64 6.03
C GLY B 28 9.56 11.32 6.22
N THR B 29 8.89 10.24 5.85
CA THR B 29 9.44 8.90 6.04
C THR B 29 9.11 7.95 4.91
N VAL B 30 10.07 7.10 4.54
CA VAL B 30 9.82 6.09 3.52
C VAL B 30 9.09 4.97 4.27
N ARG B 31 7.82 4.79 3.93
CA ARG B 31 6.98 3.78 4.59
C ARG B 31 7.06 2.40 3.97
N ALA B 32 7.31 2.33 2.67
CA ALA B 32 7.41 1.03 2.02
C ALA B 32 8.19 1.16 0.74
N VAL B 33 8.77 0.05 0.30
CA VAL B 33 9.55 0.01 -0.93
C VAL B 33 9.00 -1.13 -1.77
N PHE B 34 8.69 -0.83 -3.02
CA PHE B 34 8.16 -1.81 -3.96
C PHE B 34 9.14 -2.03 -5.11
N SER B 35 9.25 -3.27 -5.56
CA SER B 35 10.15 -3.63 -6.64
C SER B 35 9.48 -4.62 -7.58
N ASN B 36 9.83 -4.56 -8.86
CA ASN B 36 9.29 -5.49 -9.83
C ASN B 36 10.33 -6.59 -10.07
N LYS B 37 11.40 -6.55 -9.28
CA LYS B 37 12.48 -7.53 -9.38
C LYS B 37 12.88 -8.02 -8.00
N ALA B 38 12.76 -9.32 -7.77
CA ALA B 38 13.09 -9.90 -6.47
C ALA B 38 14.56 -9.80 -6.09
N ASP B 39 15.43 -9.68 -7.09
CA ASP B 39 16.87 -9.60 -6.85
C ASP B 39 17.43 -8.19 -6.63
N ALA B 40 16.58 -7.18 -6.71
CA ALA B 40 17.04 -5.80 -6.52
C ALA B 40 17.76 -5.57 -5.20
N PHE B 41 18.98 -5.06 -5.25
CA PHE B 41 19.73 -4.81 -4.04
C PHE B 41 18.99 -3.76 -3.20
N GLY B 42 18.24 -2.90 -3.89
CA GLY B 42 17.49 -1.85 -3.19
C GLY B 42 16.59 -2.42 -2.11
N LEU B 43 16.13 -3.65 -2.32
CA LEU B 43 15.28 -4.31 -1.35
C LEU B 43 16.07 -4.62 -0.09
N GLU B 44 17.36 -4.91 -0.26
CA GLU B 44 18.21 -5.20 0.89
C GLU B 44 18.43 -3.92 1.69
N ARG B 45 18.65 -2.81 0.97
CA ARG B 45 18.84 -1.53 1.62
C ARG B 45 17.61 -1.24 2.48
N ALA B 46 16.43 -1.52 1.93
CA ALA B 46 15.19 -1.27 2.64
C ALA B 46 15.05 -2.16 3.87
N ARG B 47 15.30 -3.45 3.70
CA ARG B 47 15.18 -4.40 4.79
C ARG B 47 16.12 -4.03 5.93
N GLN B 48 17.32 -3.61 5.58
CA GLN B 48 18.32 -3.22 6.58
C GLN B 48 17.87 -1.98 7.34
N ALA B 49 17.08 -1.13 6.68
CA ALA B 49 16.57 0.08 7.29
C ALA B 49 15.28 -0.17 8.05
N GLY B 50 14.83 -1.42 8.05
CA GLY B 50 13.61 -1.78 8.74
C GLY B 50 12.36 -1.29 8.02
N ILE B 51 12.46 -1.14 6.70
CA ILE B 51 11.35 -0.67 5.89
C ILE B 51 10.64 -1.83 5.20
N ALA B 52 9.31 -1.83 5.29
CA ALA B 52 8.50 -2.86 4.66
C ALA B 52 8.79 -2.97 3.17
N THR B 53 8.93 -4.20 2.66
CA THR B 53 9.20 -4.41 1.25
C THR B 53 8.16 -5.30 0.59
N HIS B 54 7.91 -5.03 -0.69
CA HIS B 54 6.94 -5.76 -1.49
C HIS B 54 7.50 -5.96 -2.89
N THR B 55 7.31 -7.15 -3.43
CA THR B 55 7.77 -7.45 -4.77
C THR B 55 6.61 -7.96 -5.60
N LEU B 56 6.45 -7.38 -6.79
CA LEU B 56 5.41 -7.80 -7.73
C LEU B 56 6.12 -8.21 -9.01
N ILE B 57 6.11 -9.52 -9.28
CA ILE B 57 6.73 -10.07 -10.46
C ILE B 57 5.72 -10.12 -11.59
N ALA B 58 6.12 -9.64 -12.76
CA ALA B 58 5.26 -9.60 -13.93
C ALA B 58 4.61 -10.94 -14.30
N SER B 59 5.37 -12.02 -14.20
CA SER B 59 4.86 -13.34 -14.54
C SER B 59 3.70 -13.83 -13.67
N ALA B 60 3.51 -13.19 -12.52
CA ALA B 60 2.43 -13.58 -11.61
C ALA B 60 1.12 -12.90 -12.01
N PHE B 61 1.15 -12.14 -13.09
CA PHE B 61 -0.04 -11.43 -13.58
C PHE B 61 -0.22 -11.69 -15.07
N ASP B 62 -1.46 -11.63 -15.54
CA ASP B 62 -1.76 -11.89 -16.94
C ASP B 62 -2.13 -10.67 -17.77
N SER B 63 -1.90 -9.48 -17.23
CA SER B 63 -2.19 -8.26 -17.96
C SER B 63 -1.57 -7.10 -17.21
N ARG B 64 -1.23 -6.03 -17.93
CA ARG B 64 -0.62 -4.87 -17.28
C ARG B 64 -1.64 -4.27 -16.33
N GLU B 65 -2.91 -4.37 -16.69
CA GLU B 65 -3.98 -3.83 -15.87
C GLU B 65 -4.05 -4.54 -14.51
N ALA B 66 -3.96 -5.86 -14.53
CA ALA B 66 -4.01 -6.64 -13.29
C ALA B 66 -2.82 -6.34 -12.40
N TYR B 67 -1.65 -6.19 -13.03
CA TYR B 67 -0.44 -5.90 -12.28
C TYR B 67 -0.60 -4.55 -11.59
N ASP B 68 -1.01 -3.52 -12.32
CA ASP B 68 -1.17 -2.21 -11.71
C ASP B 68 -2.30 -2.15 -10.69
N ARG B 69 -3.34 -2.97 -10.88
CA ARG B 69 -4.45 -2.98 -9.93
C ARG B 69 -3.93 -3.46 -8.57
N GLU B 70 -3.10 -4.51 -8.59
CA GLU B 70 -2.52 -5.05 -7.37
C GLU B 70 -1.50 -4.07 -6.78
N LEU B 71 -0.70 -3.45 -7.65
CA LEU B 71 0.30 -2.50 -7.19
C LEU B 71 -0.38 -1.34 -6.46
N ILE B 72 -1.46 -0.83 -7.03
CA ILE B 72 -2.21 0.26 -6.41
C ILE B 72 -2.80 -0.18 -5.07
N HIS B 73 -3.40 -1.37 -5.08
CA HIS B 73 -4.00 -1.91 -3.86
C HIS B 73 -2.99 -2.01 -2.72
N GLU B 74 -1.79 -2.49 -3.03
CA GLU B 74 -0.75 -2.64 -2.01
C GLU B 74 -0.10 -1.31 -1.59
N ILE B 75 0.20 -0.46 -2.56
CA ILE B 75 0.80 0.83 -2.24
C ILE B 75 -0.14 1.63 -1.34
N ASP B 76 -1.44 1.63 -1.65
CA ASP B 76 -2.40 2.40 -0.86
C ASP B 76 -2.53 1.98 0.59
N MET B 77 -2.06 0.78 0.92
CA MET B 77 -2.12 0.37 2.31
C MET B 77 -1.23 1.26 3.16
N TYR B 78 -0.29 1.95 2.52
CA TYR B 78 0.62 2.83 3.23
C TYR B 78 0.20 4.30 3.17
N ALA B 79 -0.92 4.56 2.49
CA ALA B 79 -1.45 5.92 2.36
C ALA B 79 -0.35 6.91 2.00
N PRO B 80 0.30 6.69 0.86
CA PRO B 80 1.38 7.57 0.41
C PRO B 80 0.93 9.00 0.13
N ASP B 81 1.77 9.97 0.49
CA ASP B 81 1.48 11.36 0.20
C ASP B 81 2.25 11.63 -1.09
N VAL B 82 3.23 10.78 -1.35
CA VAL B 82 4.02 10.90 -2.56
C VAL B 82 4.57 9.53 -2.94
N VAL B 83 4.46 9.20 -4.23
CA VAL B 83 4.98 7.92 -4.74
C VAL B 83 6.20 8.31 -5.57
N VAL B 84 7.33 7.70 -5.22
CA VAL B 84 8.60 8.03 -5.85
C VAL B 84 9.19 6.92 -6.70
N LEU B 85 9.33 7.17 -8.00
CA LEU B 85 9.94 6.19 -8.89
C LEU B 85 11.44 6.47 -8.85
N ALA B 86 12.22 5.50 -8.39
CA ALA B 86 13.66 5.67 -8.28
C ALA B 86 14.33 4.46 -8.91
N GLY B 87 14.45 4.49 -10.22
CA GLY B 87 15.04 3.38 -10.94
C GLY B 87 14.02 2.30 -11.28
N PHE B 88 12.73 2.65 -11.23
CA PHE B 88 11.67 1.69 -11.54
C PHE B 88 11.62 1.57 -13.06
N MET B 89 11.96 0.39 -13.57
CA MET B 89 12.03 0.19 -15.01
C MET B 89 10.86 -0.55 -15.65
N ARG B 90 9.64 -0.15 -15.29
CA ARG B 90 8.44 -0.75 -15.83
C ARG B 90 7.44 0.37 -16.03
N ILE B 91 6.90 0.48 -17.24
CA ILE B 91 5.91 1.52 -17.54
C ILE B 91 4.66 1.36 -16.67
N LEU B 92 4.18 2.47 -16.13
CA LEU B 92 2.98 2.46 -15.33
C LEU B 92 1.81 2.88 -16.22
N SER B 93 0.70 2.18 -16.09
CA SER B 93 -0.50 2.44 -16.90
C SER B 93 -1.15 3.78 -16.61
N PRO B 94 -2.01 4.25 -17.53
CA PRO B 94 -2.69 5.53 -17.34
C PRO B 94 -3.52 5.53 -16.06
N ALA B 95 -4.10 4.39 -15.70
CA ALA B 95 -4.91 4.28 -14.50
C ALA B 95 -4.06 4.51 -13.26
N PHE B 96 -2.83 3.99 -13.29
CA PHE B 96 -1.92 4.17 -12.16
C PHE B 96 -1.53 5.66 -12.07
N VAL B 97 -1.14 6.24 -13.20
CA VAL B 97 -0.77 7.64 -13.21
C VAL B 97 -1.89 8.54 -12.69
N SER B 98 -3.12 8.28 -13.15
CA SER B 98 -4.25 9.07 -12.72
C SER B 98 -4.53 8.91 -11.22
N HIS B 99 -4.40 7.69 -10.73
CA HIS B 99 -4.65 7.39 -9.33
C HIS B 99 -3.74 8.21 -8.41
N TYR B 100 -2.50 8.42 -8.83
CA TYR B 100 -1.52 9.18 -8.06
C TYR B 100 -1.20 10.53 -8.69
N ALA B 101 -2.18 11.08 -9.41
CA ALA B 101 -1.98 12.37 -10.08
C ALA B 101 -1.55 13.45 -9.10
N GLY B 102 -0.48 14.15 -9.45
CA GLY B 102 0.03 15.23 -8.61
C GLY B 102 0.93 14.79 -7.48
N ARG B 103 1.06 13.48 -7.27
CA ARG B 103 1.91 13.00 -6.19
C ARG B 103 2.77 11.82 -6.64
N LEU B 104 3.07 11.80 -7.93
CA LEU B 104 3.92 10.77 -8.52
C LEU B 104 5.15 11.44 -9.11
N LEU B 105 6.32 11.07 -8.61
CA LEU B 105 7.59 11.64 -9.07
C LEU B 105 8.47 10.61 -9.75
N ASN B 106 9.30 11.08 -10.67
CA ASN B 106 10.22 10.19 -11.38
C ASN B 106 11.54 10.92 -11.60
N ILE B 107 12.62 10.16 -11.70
CA ILE B 107 13.91 10.77 -11.99
C ILE B 107 14.40 10.08 -13.25
N HIS B 108 14.73 10.90 -14.26
CA HIS B 108 15.17 10.41 -15.56
C HIS B 108 16.61 10.84 -15.81
N PRO B 109 17.50 9.89 -16.13
CA PRO B 109 18.91 10.11 -16.40
C PRO B 109 19.30 10.82 -17.69
N SER B 110 18.65 11.94 -17.99
CA SER B 110 18.98 12.72 -19.18
C SER B 110 18.48 14.14 -19.00
N LEU B 111 18.97 15.03 -19.84
CA LEU B 111 18.54 16.41 -19.78
C LEU B 111 17.34 16.50 -20.72
N LEU B 112 16.16 16.16 -20.19
CA LEU B 112 14.93 16.21 -20.98
C LEU B 112 14.84 17.60 -21.61
N PRO B 113 14.19 17.70 -22.78
CA PRO B 113 13.54 16.64 -23.55
C PRO B 113 14.43 15.66 -24.33
N LYS B 114 15.75 15.79 -24.21
CA LYS B 114 16.67 14.91 -24.91
C LYS B 114 16.65 13.49 -24.32
N TYR B 115 16.80 12.49 -25.18
CA TYR B 115 16.83 11.09 -24.78
C TYR B 115 15.76 10.73 -23.75
N PRO B 116 14.49 10.83 -24.13
CA PRO B 116 13.39 10.51 -23.19
C PRO B 116 13.21 9.03 -22.89
N GLY B 117 13.95 8.18 -23.60
CA GLY B 117 13.79 6.74 -23.39
C GLY B 117 14.88 6.05 -22.59
N LEU B 118 15.28 4.87 -23.07
CA LEU B 118 16.30 4.07 -22.43
C LEU B 118 17.70 4.37 -22.97
N HIS B 119 18.70 3.78 -22.32
CA HIS B 119 20.10 3.95 -22.69
C HIS B 119 20.49 5.40 -22.96
N THR B 120 20.17 6.28 -22.01
CA THR B 120 20.46 7.70 -22.14
C THR B 120 21.96 8.00 -22.13
N HIS B 121 22.69 7.35 -21.23
CA HIS B 121 24.13 7.55 -21.10
C HIS B 121 24.82 7.11 -22.39
N ARG B 122 24.43 5.94 -22.88
CA ARG B 122 24.97 5.40 -24.12
C ARG B 122 24.82 6.44 -25.22
N GLN B 123 23.63 7.02 -25.32
CA GLN B 123 23.34 8.01 -26.34
C GLN B 123 24.11 9.33 -26.19
N ALA B 124 24.17 9.85 -24.97
CA ALA B 124 24.89 11.10 -24.72
C ALA B 124 26.33 11.01 -25.19
N LEU B 125 26.99 9.89 -24.91
CA LEU B 125 28.37 9.68 -25.30
C LEU B 125 28.53 9.49 -26.81
N GLU B 126 27.71 8.61 -27.38
CA GLU B 126 27.78 8.34 -28.81
C GLU B 126 27.58 9.59 -29.68
N ASN B 127 26.71 10.50 -29.25
CA ASN B 127 26.43 11.71 -30.02
C ASN B 127 27.38 12.86 -29.72
N GLY B 128 28.33 12.62 -28.84
CA GLY B 128 29.31 13.65 -28.49
C GLY B 128 28.72 14.90 -27.87
N ASP B 129 27.91 14.73 -26.82
CA ASP B 129 27.32 15.86 -26.13
C ASP B 129 28.37 16.37 -25.13
N GLU B 130 28.47 17.69 -24.97
CA GLU B 130 29.44 18.25 -24.04
C GLU B 130 28.82 18.34 -22.64
N GLU B 131 27.54 18.01 -22.56
CA GLU B 131 26.82 18.02 -21.29
C GLU B 131 25.85 16.86 -21.22
N HIS B 132 25.58 16.41 -19.99
CA HIS B 132 24.65 15.33 -19.76
C HIS B 132 24.03 15.64 -18.39
N GLY B 133 23.11 14.80 -17.94
CA GLY B 133 22.52 15.10 -16.66
C GLY B 133 21.29 14.30 -16.30
N THR B 134 20.58 14.81 -15.30
CA THR B 134 19.38 14.15 -14.79
C THR B 134 18.22 15.12 -14.61
N SER B 135 17.00 14.62 -14.77
CA SER B 135 15.81 15.44 -14.62
C SER B 135 14.78 14.80 -13.71
N VAL B 136 14.26 15.58 -12.76
CA VAL B 136 13.21 15.07 -11.87
C VAL B 136 11.92 15.71 -12.37
N HIS B 137 10.87 14.90 -12.51
CA HIS B 137 9.60 15.44 -12.98
C HIS B 137 8.37 14.80 -12.37
N PHE B 138 7.25 15.49 -12.46
CA PHE B 138 5.98 14.97 -12.01
C PHE B 138 5.58 14.06 -13.15
N VAL B 139 5.06 12.88 -12.85
CA VAL B 139 4.64 11.97 -13.90
C VAL B 139 3.17 12.23 -14.23
N THR B 140 2.87 12.48 -15.50
CA THR B 140 1.49 12.69 -15.92
C THR B 140 1.26 11.82 -17.15
N ASP B 141 0.00 11.73 -17.59
CA ASP B 141 -0.33 10.91 -18.74
C ASP B 141 -0.14 11.67 -20.05
N GLU B 142 0.85 12.56 -20.08
CA GLU B 142 1.14 13.34 -21.27
C GLU B 142 2.23 12.64 -22.06
N LEU B 143 2.37 12.98 -23.33
CA LEU B 143 3.38 12.36 -24.18
C LEU B 143 4.81 12.54 -23.66
N ASP B 144 5.10 13.70 -23.07
CA ASP B 144 6.45 13.94 -22.57
C ASP B 144 6.67 13.38 -21.16
N GLY B 145 5.63 12.79 -20.59
CA GLY B 145 5.75 12.22 -19.26
C GLY B 145 5.47 13.12 -18.07
N GLY B 146 5.33 14.43 -18.29
CA GLY B 146 5.06 15.32 -17.17
C GLY B 146 6.01 16.49 -17.05
N PRO B 147 5.61 17.54 -16.32
CA PRO B 147 6.43 18.75 -16.12
C PRO B 147 7.71 18.55 -15.33
N VAL B 148 8.80 19.04 -15.89
CA VAL B 148 10.11 18.94 -15.26
C VAL B 148 10.17 19.87 -14.05
N ILE B 149 10.70 19.38 -12.94
CA ILE B 149 10.81 20.16 -11.72
C ILE B 149 12.20 20.75 -11.55
N LEU B 150 13.22 19.91 -11.73
CA LEU B 150 14.58 20.33 -11.56
C LEU B 150 15.54 19.44 -12.33
N GLN B 151 16.54 20.04 -12.96
CA GLN B 151 17.55 19.26 -13.68
C GLN B 151 18.91 19.60 -13.10
N ALA B 152 19.85 18.69 -13.31
CA ALA B 152 21.22 18.88 -12.86
C ALA B 152 22.08 18.49 -14.04
N LYS B 153 23.01 19.37 -14.42
CA LYS B 153 23.87 19.09 -15.56
C LYS B 153 25.28 18.77 -15.11
N VAL B 154 25.93 17.88 -15.87
CA VAL B 154 27.29 17.49 -15.60
C VAL B 154 28.05 17.63 -16.91
N PRO B 155 29.29 18.11 -16.86
CA PRO B 155 30.07 18.27 -18.08
C PRO B 155 30.59 16.91 -18.57
N VAL B 156 30.77 16.78 -19.88
CA VAL B 156 31.26 15.55 -20.46
C VAL B 156 32.61 15.83 -21.11
N PHE B 157 33.63 15.07 -20.72
CA PHE B 157 34.97 15.25 -21.27
C PHE B 157 35.42 14.05 -22.09
N ALA B 158 36.26 14.30 -23.09
CA ALA B 158 36.78 13.24 -23.93
C ALA B 158 37.57 12.33 -23.01
N GLY B 159 37.34 11.03 -23.11
CA GLY B 159 38.05 10.10 -22.25
C GLY B 159 37.13 9.55 -21.17
N ASP B 160 35.93 10.10 -21.05
CA ASP B 160 34.99 9.62 -20.06
C ASP B 160 34.29 8.38 -20.59
N SER B 161 34.21 7.35 -19.76
CA SER B 161 33.54 6.11 -20.15
C SER B 161 32.08 6.28 -19.77
N GLU B 162 31.22 5.39 -20.28
CA GLU B 162 29.80 5.49 -19.94
C GLU B 162 29.64 5.35 -18.43
N ASP B 163 30.56 4.59 -17.82
CA ASP B 163 30.52 4.37 -16.39
C ASP B 163 30.92 5.65 -15.65
N ASP B 164 31.84 6.41 -16.24
CA ASP B 164 32.28 7.67 -15.63
C ASP B 164 31.15 8.69 -15.63
N ILE B 165 30.52 8.87 -16.79
CA ILE B 165 29.43 9.83 -16.92
C ILE B 165 28.24 9.41 -16.08
N THR B 166 27.95 8.11 -16.07
CA THR B 166 26.84 7.57 -15.29
C THR B 166 27.02 7.86 -13.80
N ALA B 167 28.21 7.62 -13.29
CA ALA B 167 28.50 7.85 -11.87
C ALA B 167 28.43 9.35 -11.55
N ARG B 168 28.92 10.16 -12.48
CA ARG B 168 28.90 11.61 -12.31
C ARG B 168 27.46 12.10 -12.22
N VAL B 169 26.59 11.56 -13.07
CA VAL B 169 25.18 11.97 -13.05
C VAL B 169 24.55 11.45 -11.76
N GLN B 170 24.93 10.23 -11.37
CA GLN B 170 24.40 9.62 -10.15
C GLN B 170 24.62 10.53 -8.94
N THR B 171 25.79 11.14 -8.86
CA THR B 171 26.09 12.03 -7.74
C THR B 171 25.09 13.18 -7.71
N GLN B 172 24.72 13.70 -8.88
CA GLN B 172 23.74 14.79 -8.93
C GLN B 172 22.34 14.29 -8.54
N GLU B 173 22.01 13.07 -8.98
CA GLU B 173 20.72 12.47 -8.65
C GLU B 173 20.50 12.46 -7.14
N HIS B 174 21.50 11.96 -6.42
CA HIS B 174 21.43 11.86 -4.96
C HIS B 174 21.25 13.21 -4.28
N ALA B 175 21.62 14.28 -4.98
CA ALA B 175 21.47 15.61 -4.41
C ALA B 175 20.10 16.19 -4.74
N ILE B 176 19.73 16.17 -6.02
CA ILE B 176 18.46 16.78 -6.41
C ILE B 176 17.18 16.02 -6.14
N TYR B 177 17.20 14.69 -6.10
CA TYR B 177 15.95 13.99 -5.84
C TYR B 177 15.48 14.29 -4.41
N PRO B 178 16.38 14.13 -3.41
CA PRO B 178 15.94 14.43 -2.05
C PRO B 178 15.51 15.91 -1.90
N LEU B 179 16.17 16.80 -2.63
CA LEU B 179 15.82 18.23 -2.56
C LEU B 179 14.40 18.42 -3.08
N VAL B 180 14.11 17.86 -4.25
CA VAL B 180 12.78 17.97 -4.82
C VAL B 180 11.75 17.38 -3.85
N ILE B 181 12.07 16.23 -3.27
CA ILE B 181 11.13 15.62 -2.34
C ILE B 181 10.94 16.52 -1.11
N SER B 182 12.00 17.19 -0.67
CA SER B 182 11.89 18.07 0.49
C SER B 182 10.97 19.24 0.14
N TRP B 183 11.06 19.74 -1.09
CA TRP B 183 10.17 20.84 -1.49
C TRP B 183 8.73 20.38 -1.44
N PHE B 184 8.47 19.14 -1.84
CA PHE B 184 7.13 18.62 -1.83
C PHE B 184 6.66 18.46 -0.37
N ALA B 185 7.53 17.93 0.48
CA ALA B 185 7.21 17.74 1.89
C ALA B 185 6.96 19.06 2.60
N ASP B 186 7.62 20.12 2.16
CA ASP B 186 7.46 21.44 2.77
C ASP B 186 6.24 22.17 2.23
N GLY B 187 5.55 21.55 1.27
CA GLY B 187 4.38 22.15 0.68
C GLY B 187 4.70 23.24 -0.32
N ARG B 188 5.98 23.38 -0.68
CA ARG B 188 6.41 24.41 -1.62
C ARG B 188 6.21 24.00 -3.09
N LEU B 189 6.27 22.71 -3.34
CA LEU B 189 6.11 22.20 -4.72
C LEU B 189 4.75 21.57 -4.95
N LYS B 190 4.10 21.97 -6.02
CA LYS B 190 2.78 21.48 -6.37
C LYS B 190 2.64 21.26 -7.87
N MET B 191 1.79 20.31 -8.26
CA MET B 191 1.53 20.09 -9.67
C MET B 191 0.11 20.61 -9.89
N HIS B 192 -0.03 21.57 -10.80
CA HIS B 192 -1.34 22.13 -11.15
C HIS B 192 -1.47 22.11 -12.66
N GLU B 193 -2.54 21.51 -13.17
CA GLU B 193 -2.78 21.47 -14.62
C GLU B 193 -1.58 21.03 -15.45
N ASN B 194 -0.97 19.90 -15.11
CA ASN B 194 0.19 19.38 -15.84
C ASN B 194 1.40 20.32 -15.90
N ALA B 195 1.53 21.19 -14.91
CA ALA B 195 2.68 22.09 -14.82
C ALA B 195 3.19 21.98 -13.38
N ALA B 196 4.46 22.28 -13.18
CA ALA B 196 5.05 22.22 -11.85
C ALA B 196 5.17 23.65 -11.30
N TRP B 197 4.78 23.85 -10.04
CA TRP B 197 4.83 25.16 -9.42
C TRP B 197 5.62 25.13 -8.12
N LEU B 198 6.58 26.05 -7.98
CA LEU B 198 7.38 26.13 -6.77
C LEU B 198 7.14 27.50 -6.14
N ASP B 199 6.72 27.50 -4.88
CA ASP B 199 6.44 28.74 -4.17
C ASP B 199 5.43 29.60 -4.92
N GLY B 200 4.43 28.94 -5.51
CA GLY B 200 3.39 29.64 -6.25
C GLY B 200 3.72 30.10 -7.65
N GLN B 201 4.92 29.79 -8.13
CA GLN B 201 5.31 30.20 -9.47
C GLN B 201 5.50 29.04 -10.44
N ARG B 202 4.94 29.18 -11.63
CA ARG B 202 5.04 28.15 -12.66
C ARG B 202 6.50 27.98 -13.08
N LEU B 203 7.03 26.78 -12.90
CA LEU B 203 8.42 26.49 -13.25
C LEU B 203 8.66 26.41 -14.75
N PRO B 204 9.85 26.82 -15.20
CA PRO B 204 10.24 26.79 -16.62
C PRO B 204 10.10 25.37 -17.17
N PRO B 205 10.02 25.23 -18.50
CA PRO B 205 9.90 23.90 -19.13
C PRO B 205 11.00 22.93 -18.70
N GLN B 206 12.20 23.46 -18.49
CA GLN B 206 13.31 22.61 -18.08
C GLN B 206 13.53 22.66 -16.57
N GLY B 207 12.49 23.06 -15.86
CA GLY B 207 12.57 23.12 -14.40
C GLY B 207 13.11 24.38 -13.79
N TYR B 208 13.21 24.36 -12.46
CA TYR B 208 13.71 25.50 -11.72
C TYR B 208 15.08 25.96 -12.22
N ALA B 209 15.20 27.28 -12.45
CA ALA B 209 16.45 27.86 -12.91
C ALA B 209 16.65 29.23 -12.26
N MET C 1 -37.70 -0.10 -13.26
CA MET C 1 -36.55 0.67 -13.72
C MET C 1 -36.87 2.16 -13.59
N ASN C 2 -36.30 2.80 -12.58
CA ASN C 2 -36.52 4.23 -12.35
C ASN C 2 -35.47 5.13 -12.96
N ILE C 3 -35.90 6.02 -13.84
CA ILE C 3 -34.99 6.97 -14.51
C ILE C 3 -35.21 8.40 -14.04
N VAL C 4 -34.14 9.10 -13.70
CA VAL C 4 -34.24 10.51 -13.32
C VAL C 4 -33.40 11.25 -14.36
N VAL C 5 -33.99 12.26 -14.98
CA VAL C 5 -33.27 13.01 -16.01
C VAL C 5 -33.00 14.43 -15.57
N LEU C 6 -31.78 14.90 -15.86
CA LEU C 6 -31.36 16.25 -15.53
C LEU C 6 -31.19 17.04 -16.82
N ILE C 7 -31.74 18.24 -16.85
CA ILE C 7 -31.70 19.09 -18.04
C ILE C 7 -31.44 20.54 -17.71
N SER C 8 -31.16 21.34 -18.75
CA SER C 8 -30.92 22.77 -18.59
C SER C 8 -31.67 23.56 -19.66
N GLY C 9 -32.14 22.88 -20.70
CA GLY C 9 -32.84 23.59 -21.77
C GLY C 9 -34.08 22.98 -22.39
N ASN C 10 -34.11 22.98 -23.72
CA ASN C 10 -35.24 22.47 -24.49
C ASN C 10 -35.71 21.08 -24.11
N GLY C 11 -34.76 20.15 -23.99
CA GLY C 11 -35.12 18.80 -23.61
C GLY C 11 -35.59 17.85 -24.70
N SER C 12 -35.10 18.04 -25.93
CA SER C 12 -35.49 17.14 -27.02
C SER C 12 -35.02 15.73 -26.70
N ASN C 13 -33.84 15.62 -26.09
CA ASN C 13 -33.31 14.31 -25.73
C ASN C 13 -34.19 13.71 -24.64
N LEU C 14 -34.63 14.56 -23.72
CA LEU C 14 -35.50 14.14 -22.64
C LEU C 14 -36.75 13.54 -23.29
N GLN C 15 -37.28 14.27 -24.26
CA GLN C 15 -38.49 13.82 -24.96
C GLN C 15 -38.32 12.47 -25.63
N ALA C 16 -37.19 12.26 -26.29
CA ALA C 16 -36.93 11.00 -26.97
C ALA C 16 -36.94 9.85 -25.96
N ILE C 17 -36.44 10.13 -24.76
CA ILE C 17 -36.41 9.11 -23.71
C ILE C 17 -37.83 8.82 -23.20
N ILE C 18 -38.61 9.88 -22.97
CA ILE C 18 -39.98 9.71 -22.50
C ILE C 18 -40.74 8.85 -23.53
N ASP C 19 -40.58 9.18 -24.81
CA ASP C 19 -41.27 8.45 -25.87
C ASP C 19 -40.87 6.97 -25.89
N ALA C 20 -39.59 6.71 -25.70
CA ALA C 20 -39.06 5.35 -25.70
C ALA C 20 -39.63 4.55 -24.53
N CYS C 21 -39.90 5.25 -23.42
CA CYS C 21 -40.46 4.58 -22.24
C CYS C 21 -41.92 4.26 -22.51
N LYS C 22 -42.62 5.17 -23.17
CA LYS C 22 -44.03 4.97 -23.48
C LYS C 22 -44.26 3.78 -24.42
N THR C 23 -43.34 3.57 -25.37
CA THR C 23 -43.46 2.46 -26.30
C THR C 23 -42.85 1.19 -25.73
N ASN C 24 -42.28 1.31 -24.53
CA ASN C 24 -41.63 0.21 -23.84
C ASN C 24 -40.33 -0.23 -24.50
N LYS C 25 -39.78 0.63 -25.35
CA LYS C 25 -38.49 0.35 -26.00
C LYS C 25 -37.53 0.32 -24.82
N ILE C 26 -37.76 1.26 -23.89
CA ILE C 26 -37.01 1.31 -22.66
C ILE C 26 -38.01 0.74 -21.67
N LYS C 27 -37.67 -0.39 -21.06
CA LYS C 27 -38.58 -1.03 -20.10
C LYS C 27 -38.42 -0.34 -18.77
N GLY C 28 -38.83 0.92 -18.74
CA GLY C 28 -38.70 1.71 -17.52
C GLY C 28 -39.50 2.99 -17.64
N THR C 29 -39.31 3.87 -16.67
CA THR C 29 -40.06 5.11 -16.62
C THR C 29 -39.24 6.27 -16.07
N VAL C 30 -39.47 7.45 -16.64
CA VAL C 30 -38.80 8.65 -16.17
C VAL C 30 -39.67 9.06 -14.97
N ARG C 31 -39.11 8.91 -13.78
CA ARG C 31 -39.82 9.22 -12.55
C ARG C 31 -39.78 10.71 -12.18
N ALA C 32 -38.74 11.40 -12.60
CA ALA C 32 -38.61 12.82 -12.30
C ALA C 32 -37.62 13.52 -13.21
N VAL C 33 -37.81 14.82 -13.38
CA VAL C 33 -36.94 15.64 -14.20
C VAL C 33 -36.42 16.80 -13.34
N PHE C 34 -35.13 17.03 -13.38
CA PHE C 34 -34.51 18.11 -12.61
C PHE C 34 -33.86 19.10 -13.56
N SER C 35 -33.92 20.37 -13.20
CA SER C 35 -33.33 21.42 -14.03
C SER C 35 -32.65 22.46 -13.14
N ASN C 36 -31.59 23.06 -13.66
CA ASN C 36 -30.88 24.10 -12.91
C ASN C 36 -31.34 25.45 -13.43
N LYS C 37 -32.29 25.40 -14.36
CA LYS C 37 -32.86 26.59 -14.99
C LYS C 37 -34.39 26.53 -15.00
N ALA C 38 -35.02 27.54 -14.41
CA ALA C 38 -36.48 27.58 -14.35
C ALA C 38 -37.12 27.76 -15.72
N ASP C 39 -36.38 28.31 -16.68
CA ASP C 39 -36.96 28.53 -18.00
C ASP C 39 -36.71 27.41 -19.03
N ALA C 40 -36.26 26.25 -18.57
CA ALA C 40 -36.02 25.15 -19.49
C ALA C 40 -37.34 24.61 -20.01
N PHE C 41 -37.50 24.53 -21.33
CA PHE C 41 -38.73 24.00 -21.90
C PHE C 41 -38.88 22.54 -21.53
N GLY C 42 -37.76 21.90 -21.22
CA GLY C 42 -37.78 20.50 -20.85
C GLY C 42 -38.72 20.29 -19.68
N LEU C 43 -38.83 21.32 -18.83
CA LEU C 43 -39.70 21.27 -17.67
C LEU C 43 -41.16 21.19 -18.09
N GLU C 44 -41.52 21.91 -19.14
CA GLU C 44 -42.89 21.88 -19.63
C GLU C 44 -43.16 20.51 -20.24
N ARG C 45 -42.18 19.96 -20.93
CA ARG C 45 -42.33 18.64 -21.54
C ARG C 45 -42.71 17.65 -20.44
N ALA C 46 -42.00 17.72 -19.32
CA ALA C 46 -42.26 16.83 -18.19
C ALA C 46 -43.64 17.06 -17.58
N ARG C 47 -43.98 18.32 -17.32
CA ARG C 47 -45.28 18.63 -16.73
C ARG C 47 -46.40 18.13 -17.63
N GLN C 48 -46.30 18.39 -18.92
CA GLN C 48 -47.31 17.94 -19.88
C GLN C 48 -47.44 16.41 -19.88
N ALA C 49 -46.36 15.73 -19.47
CA ALA C 49 -46.35 14.27 -19.44
C ALA C 49 -46.70 13.68 -18.08
N GLY C 50 -46.99 14.53 -17.10
CA GLY C 50 -47.34 14.05 -15.78
C GLY C 50 -46.16 13.57 -14.95
N ILE C 51 -44.98 14.09 -15.26
CA ILE C 51 -43.76 13.72 -14.55
C ILE C 51 -43.37 14.83 -13.58
N ALA C 52 -43.03 14.44 -12.35
CA ALA C 52 -42.62 15.40 -11.33
C ALA C 52 -41.39 16.17 -11.78
N THR C 53 -41.35 17.46 -11.46
CA THR C 53 -40.21 18.28 -11.82
C THR C 53 -39.68 18.99 -10.58
N HIS C 54 -38.38 19.29 -10.62
CA HIS C 54 -37.71 19.97 -9.52
C HIS C 54 -36.70 20.92 -10.13
N THR C 55 -36.59 22.11 -9.56
CA THR C 55 -35.65 23.09 -10.07
C THR C 55 -34.76 23.58 -8.94
N LEU C 56 -33.45 23.49 -9.14
CA LEU C 56 -32.50 23.96 -8.15
C LEU C 56 -31.69 25.07 -8.80
N ILE C 57 -31.85 26.27 -8.28
CA ILE C 57 -31.16 27.45 -8.79
C ILE C 57 -29.87 27.66 -8.00
N ALA C 58 -28.77 27.92 -8.72
CA ALA C 58 -27.46 28.13 -8.10
C ALA C 58 -27.43 29.21 -7.03
N SER C 59 -28.07 30.34 -7.31
CA SER C 59 -28.09 31.47 -6.38
C SER C 59 -28.79 31.12 -5.07
N ALA C 60 -29.55 30.02 -5.07
CA ALA C 60 -30.26 29.59 -3.86
C ALA C 60 -29.32 28.86 -2.92
N PHE C 61 -28.12 28.56 -3.41
CA PHE C 61 -27.13 27.85 -2.61
C PHE C 61 -25.84 28.65 -2.46
N ASP C 62 -25.13 28.43 -1.35
CA ASP C 62 -23.90 29.15 -1.09
C ASP C 62 -22.61 28.45 -1.44
N SER C 63 -22.70 27.30 -2.10
CA SER C 63 -21.51 26.56 -2.50
C SER C 63 -21.92 25.45 -3.45
N ARG C 64 -20.98 24.99 -4.27
CA ARG C 64 -21.29 23.93 -5.21
C ARG C 64 -21.59 22.65 -4.44
N GLU C 65 -20.94 22.49 -3.30
CA GLU C 65 -21.14 21.31 -2.45
C GLU C 65 -22.58 21.29 -1.92
N ALA C 66 -23.03 22.43 -1.41
CA ALA C 66 -24.39 22.56 -0.87
C ALA C 66 -25.44 22.26 -1.94
N TYR C 67 -25.18 22.73 -3.16
CA TYR C 67 -26.11 22.53 -4.27
C TYR C 67 -26.26 21.04 -4.58
N ASP C 68 -25.14 20.35 -4.76
CA ASP C 68 -25.18 18.92 -5.07
C ASP C 68 -25.71 18.11 -3.90
N ARG C 69 -25.47 18.58 -2.68
CA ARG C 69 -25.97 17.85 -1.51
C ARG C 69 -27.50 17.81 -1.59
N GLU C 70 -28.11 18.94 -1.93
CA GLU C 70 -29.56 19.02 -2.05
C GLU C 70 -30.06 18.27 -3.28
N LEU C 71 -29.28 18.34 -4.37
CA LEU C 71 -29.63 17.67 -5.61
C LEU C 71 -29.70 16.16 -5.38
N ILE C 72 -28.74 15.64 -4.62
CA ILE C 72 -28.69 14.21 -4.31
C ILE C 72 -29.86 13.81 -3.42
N HIS C 73 -30.16 14.68 -2.46
CA HIS C 73 -31.25 14.45 -1.52
C HIS C 73 -32.60 14.32 -2.23
N GLU C 74 -32.86 15.24 -3.16
CA GLU C 74 -34.11 15.25 -3.90
C GLU C 74 -34.18 14.12 -4.94
N ILE C 75 -33.08 13.90 -5.66
CA ILE C 75 -33.07 12.83 -6.66
C ILE C 75 -33.34 11.48 -6.03
N ASP C 76 -32.64 11.20 -4.94
CA ASP C 76 -32.78 9.91 -4.26
C ASP C 76 -34.18 9.59 -3.77
N MET C 77 -35.05 10.59 -3.66
CA MET C 77 -36.39 10.31 -3.20
C MET C 77 -37.14 9.47 -4.23
N TYR C 78 -36.62 9.44 -5.45
CA TYR C 78 -37.23 8.68 -6.53
C TYR C 78 -36.56 7.33 -6.75
N ALA C 79 -35.59 6.99 -5.90
CA ALA C 79 -34.87 5.73 -6.00
C ALA C 79 -34.51 5.41 -7.45
N PRO C 80 -33.67 6.25 -8.07
CA PRO C 80 -33.27 6.04 -9.46
C PRO C 80 -32.35 4.85 -9.64
N ASP C 81 -32.52 4.17 -10.77
CA ASP C 81 -31.68 3.04 -11.13
C ASP C 81 -30.60 3.62 -12.03
N VAL C 82 -30.93 4.74 -12.66
CA VAL C 82 -30.00 5.44 -13.53
C VAL C 82 -30.32 6.94 -13.58
N VAL C 83 -29.29 7.76 -13.53
CA VAL C 83 -29.44 9.22 -13.61
C VAL C 83 -28.92 9.61 -14.98
N VAL C 84 -29.76 10.28 -15.77
CA VAL C 84 -29.38 10.66 -17.13
C VAL C 84 -29.23 12.16 -17.35
N LEU C 85 -28.04 12.58 -17.74
CA LEU C 85 -27.78 13.97 -18.02
C LEU C 85 -28.14 14.18 -19.48
N ALA C 86 -29.10 15.05 -19.74
CA ALA C 86 -29.52 15.32 -21.10
C ALA C 86 -29.58 16.82 -21.32
N GLY C 87 -28.44 17.41 -21.64
CA GLY C 87 -28.38 18.84 -21.85
C GLY C 87 -28.18 19.60 -20.54
N PHE C 88 -27.73 18.91 -19.50
CA PHE C 88 -27.48 19.53 -18.20
C PHE C 88 -26.15 20.26 -18.35
N MET C 89 -26.20 21.58 -18.26
CA MET C 89 -25.01 22.39 -18.44
C MET C 89 -24.39 22.94 -17.17
N ARG C 90 -24.30 22.10 -16.15
CA ARG C 90 -23.72 22.49 -14.87
C ARG C 90 -22.83 21.35 -14.41
N ILE C 91 -21.58 21.67 -14.12
CA ILE C 91 -20.60 20.69 -13.69
C ILE C 91 -21.04 20.01 -12.40
N LEU C 92 -21.02 18.68 -12.39
CA LEU C 92 -21.39 17.92 -11.21
C LEU C 92 -20.11 17.63 -10.42
N SER C 93 -20.16 17.87 -9.11
CA SER C 93 -19.01 17.66 -8.24
C SER C 93 -18.62 16.19 -8.10
N PRO C 94 -17.41 15.92 -7.58
CA PRO C 94 -16.93 14.54 -7.39
C PRO C 94 -17.84 13.74 -6.45
N ALA C 95 -18.42 14.42 -5.47
CA ALA C 95 -19.31 13.75 -4.53
C ALA C 95 -20.54 13.21 -5.27
N PHE C 96 -21.08 14.00 -6.18
CA PHE C 96 -22.24 13.57 -6.96
C PHE C 96 -21.88 12.42 -7.89
N VAL C 97 -20.78 12.56 -8.62
CA VAL C 97 -20.34 11.52 -9.55
C VAL C 97 -20.12 10.21 -8.82
N SER C 98 -19.51 10.31 -7.64
CA SER C 98 -19.25 9.14 -6.82
C SER C 98 -20.54 8.49 -6.33
N HIS C 99 -21.50 9.32 -5.93
CA HIS C 99 -22.77 8.83 -5.42
C HIS C 99 -23.52 8.00 -6.45
N TYR C 100 -23.41 8.37 -7.72
CA TYR C 100 -24.11 7.65 -8.79
C TYR C 100 -23.13 6.92 -9.70
N ALA C 101 -22.04 6.43 -9.12
CA ALA C 101 -21.03 5.72 -9.89
C ALA C 101 -21.60 4.47 -10.55
N GLY C 102 -21.35 4.34 -11.85
CA GLY C 102 -21.84 3.19 -12.59
C GLY C 102 -23.28 3.32 -13.05
N ARG C 103 -23.93 4.42 -12.70
CA ARG C 103 -25.31 4.63 -13.09
C ARG C 103 -25.61 6.08 -13.48
N LEU C 104 -24.57 6.77 -13.91
CA LEU C 104 -24.70 8.17 -14.34
C LEU C 104 -24.29 8.25 -15.80
N LEU C 105 -25.22 8.67 -16.65
CA LEU C 105 -24.97 8.77 -18.08
C LEU C 105 -25.03 10.21 -18.57
N ASN C 106 -24.27 10.49 -19.61
CA ASN C 106 -24.24 11.81 -20.20
C ASN C 106 -24.08 11.67 -21.70
N ILE C 107 -24.53 12.67 -22.44
CA ILE C 107 -24.38 12.67 -23.88
C ILE C 107 -23.63 13.94 -24.23
N HIS C 108 -22.54 13.77 -24.99
CA HIS C 108 -21.68 14.88 -25.39
C HIS C 108 -21.71 15.03 -26.90
N PRO C 109 -22.01 16.25 -27.39
CA PRO C 109 -22.09 16.59 -28.81
C PRO C 109 -20.80 16.64 -29.61
N SER C 110 -19.96 15.62 -29.48
CA SER C 110 -18.73 15.59 -30.25
C SER C 110 -18.22 14.16 -30.33
N LEU C 111 -17.31 13.92 -31.27
CA LEU C 111 -16.73 12.59 -31.39
C LEU C 111 -15.54 12.53 -30.45
N LEU C 112 -15.82 12.29 -29.17
CA LEU C 112 -14.76 12.20 -28.18
C LEU C 112 -13.68 11.26 -28.72
N PRO C 113 -12.43 11.46 -28.29
CA PRO C 113 -11.95 12.47 -27.35
C PRO C 113 -11.86 13.90 -27.90
N LYS C 114 -12.23 14.10 -29.16
CA LYS C 114 -12.17 15.44 -29.75
C LYS C 114 -13.20 16.38 -29.13
N TYR C 115 -12.80 17.64 -28.98
CA TYR C 115 -13.67 18.69 -28.43
C TYR C 115 -14.45 18.25 -27.19
N PRO C 116 -13.73 17.91 -26.11
CA PRO C 116 -14.38 17.47 -24.87
C PRO C 116 -15.05 18.60 -24.09
N GLY C 117 -14.84 19.84 -24.55
CA GLY C 117 -15.42 20.98 -23.87
C GLY C 117 -16.70 21.54 -24.45
N LEU C 118 -16.75 22.87 -24.56
CA LEU C 118 -17.93 23.56 -25.08
C LEU C 118 -17.80 23.97 -26.53
N HIS C 119 -18.90 24.49 -27.08
CA HIS C 119 -18.96 24.93 -28.48
C HIS C 119 -18.35 23.89 -29.41
N THR C 120 -18.70 22.63 -29.18
CA THR C 120 -18.20 21.52 -29.99
C THR C 120 -18.57 21.66 -31.46
N HIS C 121 -19.82 22.03 -31.72
CA HIS C 121 -20.30 22.19 -33.09
C HIS C 121 -19.50 23.26 -33.82
N ARG C 122 -19.27 24.37 -33.16
CA ARG C 122 -18.52 25.47 -33.75
C ARG C 122 -17.09 25.05 -34.04
N GLN C 123 -16.47 24.33 -33.11
CA GLN C 123 -15.10 23.88 -33.29
C GLN C 123 -14.98 22.94 -34.48
N ALA C 124 -15.90 21.99 -34.60
CA ALA C 124 -15.89 21.05 -35.70
C ALA C 124 -15.89 21.82 -37.01
N LEU C 125 -16.73 22.86 -37.06
CA LEU C 125 -16.87 23.71 -38.24
C LEU C 125 -15.62 24.57 -38.43
N GLU C 126 -15.16 25.17 -37.35
CA GLU C 126 -13.97 26.02 -37.37
C GLU C 126 -12.76 25.30 -37.95
N ASN C 127 -12.56 24.05 -37.54
CA ASN C 127 -11.42 23.27 -38.00
C ASN C 127 -11.57 22.61 -39.36
N GLY C 128 -12.77 22.66 -39.92
CA GLY C 128 -13.00 22.07 -41.23
C GLY C 128 -13.12 20.56 -41.21
N ASP C 129 -13.65 20.02 -40.12
CA ASP C 129 -13.82 18.58 -39.99
C ASP C 129 -14.77 18.00 -41.04
N GLU C 130 -14.44 16.80 -41.52
CA GLU C 130 -15.24 16.10 -42.53
C GLU C 130 -16.33 15.27 -41.86
N GLU C 131 -16.14 15.03 -40.56
CA GLU C 131 -17.08 14.25 -39.77
C GLU C 131 -17.25 14.90 -38.39
N HIS C 132 -18.42 14.67 -37.79
CA HIS C 132 -18.75 15.19 -36.47
C HIS C 132 -19.71 14.17 -35.87
N GLY C 133 -20.21 14.42 -34.68
CA GLY C 133 -21.12 13.47 -34.08
C GLY C 133 -21.45 13.70 -32.63
N THR C 134 -21.86 12.62 -31.96
CA THR C 134 -22.23 12.67 -30.57
C THR C 134 -21.76 11.42 -29.84
N SER C 135 -21.53 11.55 -28.53
CA SER C 135 -21.06 10.42 -27.74
C SER C 135 -21.80 10.26 -26.42
N VAL C 136 -22.31 9.05 -26.18
CA VAL C 136 -22.99 8.75 -24.93
C VAL C 136 -21.93 8.04 -24.09
N HIS C 137 -21.77 8.47 -22.84
CA HIS C 137 -20.76 7.86 -21.99
C HIS C 137 -21.12 7.77 -20.53
N PHE C 138 -20.49 6.84 -19.83
CA PHE C 138 -20.71 6.72 -18.40
C PHE C 138 -19.92 7.87 -17.81
N VAL C 139 -20.44 8.52 -16.79
CA VAL C 139 -19.73 9.63 -16.16
C VAL C 139 -18.93 9.10 -14.98
N THR C 140 -17.63 9.39 -14.99
CA THR C 140 -16.75 8.93 -13.92
C THR C 140 -15.92 10.10 -13.41
N ASP C 141 -15.18 9.85 -12.33
CA ASP C 141 -14.33 10.88 -11.74
C ASP C 141 -13.03 11.04 -12.50
N GLU C 142 -12.97 10.45 -13.70
CA GLU C 142 -11.78 10.54 -14.52
C GLU C 142 -11.65 11.92 -15.17
N LEU C 143 -10.49 12.16 -15.78
CA LEU C 143 -10.20 13.42 -16.44
C LEU C 143 -11.06 13.68 -17.67
N ASP C 144 -11.24 12.66 -18.51
CA ASP C 144 -12.04 12.82 -19.73
C ASP C 144 -13.53 12.64 -19.53
N GLY C 145 -13.96 12.45 -18.28
CA GLY C 145 -15.38 12.29 -17.99
C GLY C 145 -15.91 10.88 -17.90
N GLY C 146 -15.19 9.89 -18.44
CA GLY C 146 -15.67 8.53 -18.37
C GLY C 146 -15.67 7.76 -19.67
N PRO C 147 -15.81 6.43 -19.62
CA PRO C 147 -15.82 5.53 -20.78
C PRO C 147 -16.99 5.73 -21.73
N VAL C 148 -16.69 5.88 -23.02
CA VAL C 148 -17.72 6.08 -24.04
C VAL C 148 -18.45 4.74 -24.25
N ILE C 149 -19.75 4.83 -24.47
CA ILE C 149 -20.59 3.65 -24.68
C ILE C 149 -20.95 3.48 -26.15
N LEU C 150 -21.35 4.58 -26.78
CA LEU C 150 -21.74 4.54 -28.17
C LEU C 150 -21.64 5.93 -28.79
N GLN C 151 -21.11 5.99 -30.00
CA GLN C 151 -20.99 7.25 -30.72
C GLN C 151 -21.74 7.11 -32.02
N ALA C 152 -22.18 8.23 -32.56
CA ALA C 152 -22.87 8.28 -33.83
C ALA C 152 -22.17 9.36 -34.61
N LYS C 153 -21.80 9.07 -35.84
CA LYS C 153 -21.11 10.04 -36.67
C LYS C 153 -22.03 10.65 -37.72
N VAL C 154 -21.68 11.86 -38.14
CA VAL C 154 -22.45 12.56 -39.17
C VAL C 154 -21.44 13.24 -40.11
N PRO C 155 -21.75 13.28 -41.41
CA PRO C 155 -20.86 13.90 -42.38
C PRO C 155 -20.94 15.43 -42.30
N VAL C 156 -19.88 16.10 -42.73
CA VAL C 156 -19.86 17.56 -42.73
C VAL C 156 -19.43 18.03 -44.12
N PHE C 157 -20.29 18.82 -44.75
CA PHE C 157 -20.03 19.34 -46.09
C PHE C 157 -19.70 20.83 -46.08
N ALA C 158 -19.28 21.33 -47.24
CA ALA C 158 -18.88 22.73 -47.38
C ALA C 158 -19.90 23.80 -47.00
N GLY C 159 -21.17 23.60 -47.35
CA GLY C 159 -22.18 24.60 -47.06
C GLY C 159 -23.00 24.46 -45.80
N ASP C 160 -22.64 23.54 -44.92
CA ASP C 160 -23.41 23.35 -43.68
C ASP C 160 -23.08 24.41 -42.63
N SER C 161 -24.13 24.99 -42.05
CA SER C 161 -23.97 26.00 -41.01
C SER C 161 -23.88 25.29 -39.67
N GLU C 162 -23.69 26.05 -38.59
CA GLU C 162 -23.61 25.45 -37.27
C GLU C 162 -24.96 24.86 -36.89
N ASP C 163 -26.03 25.52 -37.31
CA ASP C 163 -27.38 25.03 -37.00
C ASP C 163 -27.65 23.75 -37.78
N ASP C 164 -27.15 23.68 -39.00
CA ASP C 164 -27.36 22.49 -39.83
C ASP C 164 -26.71 21.29 -39.16
N ILE C 165 -25.42 21.41 -38.85
CA ILE C 165 -24.69 20.33 -38.23
C ILE C 165 -25.26 19.99 -36.85
N THR C 166 -25.72 21.01 -36.13
CA THR C 166 -26.29 20.79 -34.80
C THR C 166 -27.53 19.90 -34.87
N ALA C 167 -28.43 20.21 -35.80
CA ALA C 167 -29.66 19.44 -35.95
C ALA C 167 -29.35 18.02 -36.41
N ARG C 168 -28.39 17.90 -37.31
CA ARG C 168 -27.99 16.61 -37.84
C ARG C 168 -27.46 15.70 -36.74
N VAL C 169 -26.75 16.28 -35.77
CA VAL C 169 -26.20 15.51 -34.67
C VAL C 169 -27.28 15.11 -33.67
N GLN C 170 -28.23 16.01 -33.40
CA GLN C 170 -29.29 15.70 -32.46
C GLN C 170 -30.16 14.55 -32.98
N THR C 171 -30.28 14.45 -34.30
CA THR C 171 -31.08 13.37 -34.86
C THR C 171 -30.47 12.06 -34.37
N GLN C 172 -29.15 11.98 -34.38
CA GLN C 172 -28.46 10.79 -33.92
C GLN C 172 -28.60 10.60 -32.42
N GLU C 173 -28.53 11.69 -31.67
CA GLU C 173 -28.65 11.63 -30.22
C GLU C 173 -29.98 11.01 -29.80
N HIS C 174 -31.07 11.46 -30.41
CA HIS C 174 -32.40 10.97 -30.10
C HIS C 174 -32.53 9.47 -30.36
N ALA C 175 -31.61 8.95 -31.16
CA ALA C 175 -31.63 7.53 -31.47
C ALA C 175 -30.74 6.73 -30.51
N ILE C 176 -29.48 7.13 -30.37
CA ILE C 176 -28.59 6.38 -29.51
C ILE C 176 -28.78 6.50 -28.00
N TYR C 177 -29.30 7.62 -27.51
CA TYR C 177 -29.47 7.75 -26.05
C TYR C 177 -30.50 6.75 -25.53
N PRO C 178 -31.71 6.74 -26.12
CA PRO C 178 -32.68 5.77 -25.60
C PRO C 178 -32.17 4.34 -25.76
N LEU C 179 -31.42 4.08 -26.84
CA LEU C 179 -30.88 2.75 -27.08
C LEU C 179 -29.93 2.39 -25.94
N VAL C 180 -29.01 3.29 -25.61
CA VAL C 180 -28.07 3.03 -24.54
C VAL C 180 -28.81 2.82 -23.22
N ILE C 181 -29.82 3.63 -22.97
CA ILE C 181 -30.58 3.51 -21.74
C ILE C 181 -31.30 2.16 -21.71
N SER C 182 -31.72 1.67 -22.87
CA SER C 182 -32.40 0.37 -22.93
C SER C 182 -31.40 -0.73 -22.59
N TRP C 183 -30.17 -0.61 -23.08
CA TRP C 183 -29.16 -1.63 -22.78
C TRP C 183 -28.93 -1.68 -21.26
N PHE C 184 -28.88 -0.51 -20.64
CA PHE C 184 -28.67 -0.42 -19.21
C PHE C 184 -29.84 -1.06 -18.48
N ALA C 185 -31.05 -0.66 -18.85
CA ALA C 185 -32.25 -1.20 -18.21
C ALA C 185 -32.32 -2.72 -18.30
N ASP C 186 -31.87 -3.27 -19.43
CA ASP C 186 -31.91 -4.72 -19.63
C ASP C 186 -30.75 -5.44 -18.95
N GLY C 187 -29.87 -4.70 -18.31
CA GLY C 187 -28.73 -5.30 -17.63
C GLY C 187 -27.62 -5.78 -18.54
N ARG C 188 -27.59 -5.27 -19.77
CA ARG C 188 -26.57 -5.67 -20.73
C ARG C 188 -25.37 -4.73 -20.69
N LEU C 189 -25.57 -3.53 -20.15
CA LEU C 189 -24.52 -2.53 -20.07
C LEU C 189 -24.07 -2.33 -18.62
N LYS C 190 -22.79 -2.53 -18.36
CA LYS C 190 -22.21 -2.38 -17.02
C LYS C 190 -20.99 -1.48 -17.05
N MET C 191 -20.67 -0.88 -15.91
CA MET C 191 -19.50 -0.01 -15.83
C MET C 191 -18.56 -0.52 -14.74
N HIS C 192 -17.58 -1.34 -15.12
CA HIS C 192 -16.63 -1.86 -14.15
C HIS C 192 -15.45 -0.90 -14.02
N GLU C 193 -15.61 0.08 -13.13
CA GLU C 193 -14.59 1.09 -12.87
C GLU C 193 -13.83 1.59 -14.09
N ASN C 194 -14.27 2.74 -14.58
CA ASN C 194 -13.67 3.42 -15.73
C ASN C 194 -13.60 2.58 -17.01
N ALA C 195 -14.54 1.66 -17.17
CA ALA C 195 -14.62 0.80 -18.35
C ALA C 195 -16.06 0.37 -18.63
N ALA C 196 -16.51 0.54 -19.87
CA ALA C 196 -17.86 0.18 -20.27
C ALA C 196 -17.91 -1.23 -20.88
N TRP C 197 -18.80 -2.06 -20.35
CA TRP C 197 -18.96 -3.43 -20.81
C TRP C 197 -20.38 -3.69 -21.32
N LEU C 198 -20.50 -4.18 -22.55
CA LEU C 198 -21.80 -4.49 -23.12
C LEU C 198 -21.86 -6.00 -23.37
N ASP C 199 -22.88 -6.64 -22.82
CA ASP C 199 -23.05 -8.08 -22.97
C ASP C 199 -21.79 -8.85 -22.59
N GLY C 200 -21.06 -8.34 -21.61
CA GLY C 200 -19.84 -9.01 -21.16
C GLY C 200 -18.62 -8.77 -22.03
N GLN C 201 -18.70 -7.77 -22.91
CA GLN C 201 -17.59 -7.44 -23.80
C GLN C 201 -17.08 -6.04 -23.50
N ARG C 202 -15.80 -5.92 -23.18
CA ARG C 202 -15.26 -4.60 -22.88
C ARG C 202 -15.28 -3.75 -24.14
N LEU C 203 -15.95 -2.61 -24.06
CA LEU C 203 -16.04 -1.72 -25.22
C LEU C 203 -14.76 -0.91 -25.38
N PRO C 204 -14.40 -0.60 -26.64
CA PRO C 204 -13.19 0.18 -26.92
C PRO C 204 -13.41 1.67 -26.59
N PRO C 205 -12.35 2.48 -26.65
CA PRO C 205 -12.41 3.92 -26.36
C PRO C 205 -13.51 4.70 -27.09
N GLN C 206 -13.85 4.26 -28.29
CA GLN C 206 -14.87 4.94 -29.08
C GLN C 206 -16.25 4.36 -28.87
N GLY C 207 -16.36 3.40 -27.94
CA GLY C 207 -17.64 2.78 -27.66
C GLY C 207 -17.90 1.58 -28.55
N TYR C 208 -19.11 1.05 -28.48
CA TYR C 208 -19.50 -0.11 -29.29
C TYR C 208 -19.27 0.11 -30.77
N ALA C 209 -18.58 -0.82 -31.42
CA ALA C 209 -18.30 -0.72 -32.85
C ALA C 209 -18.76 -1.98 -33.57
N MET D 1 32.41 -25.02 0.32
CA MET D 1 31.42 -25.90 0.95
C MET D 1 30.21 -26.03 0.04
N ASN D 2 30.13 -27.15 -0.68
CA ASN D 2 29.02 -27.39 -1.59
C ASN D 2 27.94 -28.27 -0.99
N ILE D 3 26.71 -27.75 -0.98
CA ILE D 3 25.56 -28.49 -0.45
C ILE D 3 24.63 -28.91 -1.57
N VAL D 4 24.17 -30.16 -1.54
CA VAL D 4 23.21 -30.65 -2.52
C VAL D 4 22.01 -31.08 -1.69
N VAL D 5 20.83 -30.57 -2.02
CA VAL D 5 19.63 -30.89 -1.27
C VAL D 5 18.65 -31.72 -2.09
N LEU D 6 18.11 -32.77 -1.47
CA LEU D 6 17.14 -33.66 -2.11
C LEU D 6 15.79 -33.42 -1.47
N ILE D 7 14.75 -33.24 -2.30
CA ILE D 7 13.41 -32.97 -1.81
C ILE D 7 12.34 -33.73 -2.60
N SER D 8 11.11 -33.70 -2.10
CA SER D 8 9.98 -34.34 -2.76
C SER D 8 8.75 -33.43 -2.75
N GLY D 9 8.75 -32.44 -1.85
CA GLY D 9 7.59 -31.56 -1.76
C GLY D 9 7.79 -30.05 -1.65
N ASN D 10 7.09 -29.44 -0.70
CA ASN D 10 7.12 -28.00 -0.50
C ASN D 10 8.51 -27.39 -0.38
N GLY D 11 9.39 -28.01 0.39
CA GLY D 11 10.74 -27.53 0.53
C GLY D 11 10.94 -26.32 1.44
N SER D 12 10.17 -26.24 2.51
CA SER D 12 10.34 -25.12 3.43
C SER D 12 11.71 -25.25 4.10
N ASN D 13 12.13 -26.48 4.34
CA ASN D 13 13.43 -26.72 4.95
C ASN D 13 14.53 -26.29 3.98
N LEU D 14 14.31 -26.58 2.70
CA LEU D 14 15.27 -26.18 1.68
C LEU D 14 15.42 -24.67 1.75
N GLN D 15 14.30 -23.97 1.87
CA GLN D 15 14.33 -22.50 1.93
C GLN D 15 15.12 -21.98 3.14
N ALA D 16 14.90 -22.59 4.30
CA ALA D 16 15.61 -22.17 5.51
C ALA D 16 17.11 -22.34 5.29
N ILE D 17 17.50 -23.41 4.61
CA ILE D 17 18.91 -23.66 4.33
C ILE D 17 19.46 -22.63 3.34
N ILE D 18 18.69 -22.33 2.30
CA ILE D 18 19.11 -21.34 1.31
C ILE D 18 19.28 -19.99 2.01
N ASP D 19 18.33 -19.65 2.85
CA ASP D 19 18.37 -18.38 3.57
C ASP D 19 19.60 -18.25 4.49
N ALA D 20 19.97 -19.35 5.16
CA ALA D 20 21.11 -19.34 6.06
C ALA D 20 22.44 -19.26 5.30
N CYS D 21 22.46 -19.76 4.07
CA CYS D 21 23.66 -19.69 3.26
C CYS D 21 23.84 -18.24 2.82
N LYS D 22 22.74 -17.60 2.47
CA LYS D 22 22.79 -16.21 2.00
C LYS D 22 23.28 -15.24 3.09
N THR D 23 22.94 -15.52 4.34
CA THR D 23 23.35 -14.68 5.46
C THR D 23 24.74 -15.12 5.97
N ASN D 24 25.24 -16.20 5.38
CA ASN D 24 26.53 -16.78 5.73
C ASN D 24 26.50 -17.47 7.11
N LYS D 25 25.30 -17.73 7.62
CA LYS D 25 25.16 -18.45 8.88
C LYS D 25 25.76 -19.82 8.58
N ILE D 26 25.51 -20.28 7.37
CA ILE D 26 26.09 -21.53 6.87
C ILE D 26 27.14 -21.03 5.89
N LYS D 27 28.40 -21.33 6.15
CA LYS D 27 29.49 -20.85 5.28
C LYS D 27 29.63 -21.78 4.08
N GLY D 28 28.62 -21.73 3.23
CA GLY D 28 28.59 -22.57 2.05
C GLY D 28 27.43 -22.20 1.16
N THR D 29 27.20 -23.01 0.14
CA THR D 29 26.15 -22.73 -0.82
C THR D 29 25.43 -23.98 -1.28
N VAL D 30 24.15 -23.83 -1.62
CA VAL D 30 23.39 -24.95 -2.15
C VAL D 30 23.68 -24.87 -3.65
N ARG D 31 24.43 -25.85 -4.13
CA ARG D 31 24.84 -25.91 -5.54
C ARG D 31 23.78 -26.52 -6.46
N ALA D 32 22.92 -27.36 -5.90
CA ALA D 32 21.90 -28.00 -6.71
C ALA D 32 20.80 -28.62 -5.87
N VAL D 33 19.63 -28.76 -6.46
CA VAL D 33 18.49 -29.35 -5.79
C VAL D 33 17.93 -30.48 -6.65
N PHE D 34 17.73 -31.64 -6.02
CA PHE D 34 17.21 -32.81 -6.73
C PHE D 34 15.86 -33.19 -6.15
N SER D 35 14.96 -33.65 -7.01
CA SER D 35 13.64 -34.07 -6.57
C SER D 35 13.21 -35.29 -7.36
N ASN D 36 12.39 -36.13 -6.74
CA ASN D 36 11.87 -37.32 -7.40
C ASN D 36 10.45 -37.05 -7.89
N LYS D 37 10.00 -35.81 -7.71
CA LYS D 37 8.66 -35.38 -8.12
C LYS D 37 8.77 -34.08 -8.91
N ALA D 38 8.28 -34.08 -10.15
CA ALA D 38 8.35 -32.91 -11.01
C ALA D 38 7.54 -31.71 -10.51
N ASP D 39 6.53 -31.95 -9.69
CA ASP D 39 5.68 -30.87 -9.19
C ASP D 39 6.07 -30.31 -7.83
N ALA D 40 7.21 -30.73 -7.29
CA ALA D 40 7.64 -30.23 -5.99
C ALA D 40 7.86 -28.72 -6.02
N PHE D 41 7.18 -27.99 -5.14
CA PHE D 41 7.33 -26.53 -5.11
C PHE D 41 8.76 -26.14 -4.75
N GLY D 42 9.44 -27.02 -4.03
CA GLY D 42 10.82 -26.75 -3.64
C GLY D 42 11.67 -26.46 -4.86
N LEU D 43 11.30 -27.05 -5.99
CA LEU D 43 12.02 -26.84 -7.23
C LEU D 43 11.89 -25.39 -7.68
N GLU D 44 10.75 -24.79 -7.38
CA GLU D 44 10.50 -23.40 -7.76
C GLU D 44 11.36 -22.50 -6.89
N ARG D 45 11.45 -22.83 -5.60
CA ARG D 45 12.26 -22.04 -4.67
C ARG D 45 13.71 -22.02 -5.14
N ALA D 46 14.19 -23.16 -5.61
CA ALA D 46 15.57 -23.25 -6.09
C ALA D 46 15.76 -22.43 -7.36
N ARG D 47 14.80 -22.54 -8.28
CA ARG D 47 14.88 -21.82 -9.55
C ARG D 47 14.91 -20.31 -9.34
N GLN D 48 14.06 -19.81 -8.45
CA GLN D 48 14.04 -18.37 -8.19
C GLN D 48 15.30 -17.92 -7.45
N ALA D 49 16.03 -18.87 -6.89
CA ALA D 49 17.26 -18.56 -6.17
C ALA D 49 18.47 -18.76 -7.09
N GLY D 50 18.20 -19.15 -8.34
CA GLY D 50 19.27 -19.35 -9.29
C GLY D 50 20.07 -20.63 -9.05
N ILE D 51 19.45 -21.60 -8.40
CA ILE D 51 20.09 -22.87 -8.11
C ILE D 51 19.69 -23.95 -9.11
N ALA D 52 20.68 -24.69 -9.63
CA ALA D 52 20.40 -25.74 -10.59
C ALA D 52 19.44 -26.77 -10.01
N THR D 53 18.51 -27.25 -10.84
CA THR D 53 17.55 -28.24 -10.39
C THR D 53 17.60 -29.48 -11.29
N HIS D 54 17.29 -30.63 -10.70
CA HIS D 54 17.28 -31.89 -11.42
C HIS D 54 16.13 -32.75 -10.91
N THR D 55 15.45 -33.42 -11.83
CA THR D 55 14.34 -34.28 -11.45
C THR D 55 14.56 -35.68 -12.01
N LEU D 56 14.45 -36.69 -11.15
CA LEU D 56 14.57 -38.08 -11.58
C LEU D 56 13.27 -38.76 -11.19
N ILE D 57 12.52 -39.18 -12.21
CA ILE D 57 11.24 -39.85 -12.00
C ILE D 57 11.45 -41.36 -12.01
N ALA D 58 10.94 -42.04 -10.99
CA ALA D 58 11.09 -43.49 -10.87
C ALA D 58 10.68 -44.28 -12.12
N SER D 59 9.62 -43.83 -12.79
CA SER D 59 9.12 -44.51 -13.98
C SER D 59 10.12 -44.55 -15.13
N ALA D 60 11.09 -43.64 -15.11
CA ALA D 60 12.08 -43.58 -16.18
C ALA D 60 13.20 -44.58 -15.96
N PHE D 61 13.15 -45.30 -14.84
CA PHE D 61 14.17 -46.29 -14.52
C PHE D 61 13.54 -47.67 -14.32
N ASP D 62 14.29 -48.72 -14.66
CA ASP D 62 13.79 -50.08 -14.55
C ASP D 62 14.22 -50.83 -13.28
N SER D 63 14.85 -50.12 -12.34
CA SER D 63 15.28 -50.74 -11.09
C SER D 63 15.74 -49.69 -10.11
N ARG D 64 15.66 -50.00 -8.82
CA ARG D 64 16.10 -49.04 -7.81
C ARG D 64 17.59 -48.78 -7.98
N GLU D 65 18.34 -49.80 -8.41
CA GLU D 65 19.77 -49.66 -8.60
C GLU D 65 20.09 -48.67 -9.71
N ALA D 66 19.36 -48.75 -10.82
CA ALA D 66 19.59 -47.86 -11.95
C ALA D 66 19.29 -46.42 -11.57
N TYR D 67 18.21 -46.23 -10.81
CA TYR D 67 17.80 -44.89 -10.39
C TYR D 67 18.90 -44.27 -9.52
N ASP D 68 19.33 -44.98 -8.49
CA ASP D 68 20.37 -44.48 -7.60
C ASP D 68 21.70 -44.28 -8.32
N ARG D 69 21.96 -45.12 -9.31
CA ARG D 69 23.19 -45.01 -10.09
C ARG D 69 23.22 -43.67 -10.80
N GLU D 70 22.10 -43.30 -11.39
CA GLU D 70 21.98 -42.04 -12.11
C GLU D 70 21.95 -40.87 -11.14
N LEU D 71 21.29 -41.07 -10.00
CA LEU D 71 21.19 -40.02 -8.99
C LEU D 71 22.59 -39.65 -8.50
N ILE D 72 23.41 -40.66 -8.23
CA ILE D 72 24.78 -40.44 -7.77
C ILE D 72 25.59 -39.73 -8.86
N HIS D 73 25.43 -40.19 -10.10
CA HIS D 73 26.12 -39.62 -11.24
C HIS D 73 25.85 -38.12 -11.38
N GLU D 74 24.58 -37.74 -11.32
CA GLU D 74 24.20 -36.34 -11.44
C GLU D 74 24.61 -35.50 -10.23
N ILE D 75 24.39 -36.03 -9.03
CA ILE D 75 24.75 -35.31 -7.81
C ILE D 75 26.25 -34.99 -7.76
N ASP D 76 27.07 -35.99 -8.04
CA ASP D 76 28.51 -35.81 -7.99
C ASP D 76 29.09 -34.78 -8.94
N MET D 77 28.33 -34.37 -9.94
CA MET D 77 28.84 -33.37 -10.85
C MET D 77 29.02 -32.06 -10.10
N TYR D 78 28.38 -31.96 -8.94
CA TYR D 78 28.45 -30.74 -8.13
C TYR D 78 29.47 -30.88 -6.99
N ALA D 79 30.14 -32.02 -6.93
CA ALA D 79 31.15 -32.29 -5.90
C ALA D 79 30.67 -31.85 -4.53
N PRO D 80 29.60 -32.48 -4.02
CA PRO D 80 29.04 -32.12 -2.72
C PRO D 80 29.91 -32.52 -1.53
N ASP D 81 29.95 -31.65 -0.54
CA ASP D 81 30.69 -31.92 0.70
C ASP D 81 29.64 -32.53 1.63
N VAL D 82 28.38 -32.24 1.33
CA VAL D 82 27.27 -32.75 2.13
C VAL D 82 26.00 -32.86 1.29
N VAL D 83 25.28 -33.97 1.46
CA VAL D 83 24.03 -34.21 0.76
C VAL D 83 22.97 -34.18 1.85
N VAL D 84 22.01 -33.29 1.69
CA VAL D 84 20.96 -33.07 2.67
C VAL D 84 19.59 -33.54 2.20
N LEU D 85 18.99 -34.46 2.95
CA LEU D 85 17.67 -34.96 2.61
C LEU D 85 16.71 -34.05 3.36
N ALA D 86 15.88 -33.32 2.62
CA ALA D 86 14.92 -32.41 3.23
C ALA D 86 13.54 -32.65 2.65
N GLY D 87 12.87 -33.66 3.18
CA GLY D 87 11.55 -33.99 2.67
C GLY D 87 11.62 -34.93 1.48
N PHE D 88 12.72 -35.66 1.35
CA PHE D 88 12.90 -36.61 0.26
C PHE D 88 12.24 -37.89 0.72
N MET D 89 11.14 -38.27 0.06
CA MET D 89 10.38 -39.44 0.44
C MET D 89 10.61 -40.70 -0.39
N ARG D 90 11.87 -40.95 -0.76
CA ARG D 90 12.21 -42.13 -1.54
C ARG D 90 13.35 -42.83 -0.82
N ILE D 91 13.22 -44.12 -0.59
CA ILE D 91 14.26 -44.90 0.08
C ILE D 91 15.52 -44.91 -0.76
N LEU D 92 16.66 -44.67 -0.12
CA LEU D 92 17.94 -44.65 -0.81
C LEU D 92 18.63 -46.00 -0.58
N SER D 93 19.05 -46.63 -1.67
CA SER D 93 19.71 -47.93 -1.61
C SER D 93 20.96 -47.91 -0.74
N PRO D 94 21.39 -49.09 -0.28
CA PRO D 94 22.60 -49.19 0.56
C PRO D 94 23.82 -48.61 -0.15
N ALA D 95 23.84 -48.76 -1.47
CA ALA D 95 24.95 -48.23 -2.27
C ALA D 95 25.03 -46.71 -2.14
N PHE D 96 23.88 -46.06 -2.22
CA PHE D 96 23.81 -44.60 -2.12
C PHE D 96 24.25 -44.16 -0.73
N VAL D 97 23.73 -44.84 0.29
CA VAL D 97 24.08 -44.52 1.67
C VAL D 97 25.58 -44.66 1.88
N SER D 98 26.16 -45.71 1.34
CA SER D 98 27.60 -45.94 1.50
C SER D 98 28.42 -44.91 0.74
N HIS D 99 27.96 -44.56 -0.46
CA HIS D 99 28.66 -43.58 -1.31
C HIS D 99 28.80 -42.24 -0.61
N TYR D 100 27.77 -41.83 0.13
CA TYR D 100 27.80 -40.54 0.83
C TYR D 100 27.90 -40.73 2.34
N ALA D 101 28.50 -41.83 2.76
CA ALA D 101 28.64 -42.14 4.17
C ALA D 101 29.39 -41.03 4.92
N GLY D 102 28.83 -40.61 6.05
CA GLY D 102 29.46 -39.56 6.83
C GLY D 102 29.14 -38.17 6.34
N ARG D 103 28.47 -38.06 5.20
CA ARG D 103 28.12 -36.75 4.65
C ARG D 103 26.71 -36.73 4.06
N LEU D 104 25.82 -37.50 4.66
CA LEU D 104 24.43 -37.59 4.22
C LEU D 104 23.55 -37.32 5.44
N LEU D 105 22.75 -36.25 5.37
CA LEU D 105 21.89 -35.88 6.49
C LEU D 105 20.40 -36.00 6.16
N ASN D 106 19.61 -36.17 7.21
CA ASN D 106 18.17 -36.27 7.06
C ASN D 106 17.47 -35.63 8.26
N ILE D 107 16.25 -35.17 8.05
CA ILE D 107 15.47 -34.60 9.12
C ILE D 107 14.18 -35.42 9.14
N HIS D 108 13.90 -36.02 10.30
CA HIS D 108 12.75 -36.90 10.53
C HIS D 108 11.80 -36.21 11.51
N PRO D 109 10.50 -36.10 11.15
CA PRO D 109 9.49 -35.45 11.99
C PRO D 109 9.02 -36.24 13.23
N SER D 110 9.96 -36.69 14.05
CA SER D 110 9.59 -37.42 15.28
C SER D 110 10.81 -37.52 16.18
N LEU D 111 10.57 -37.77 17.46
CA LEU D 111 11.66 -37.91 18.42
C LEU D 111 12.17 -39.35 18.42
N LEU D 112 13.11 -39.65 17.52
CA LEU D 112 13.69 -40.98 17.43
C LEU D 112 14.23 -41.42 18.78
N PRO D 113 14.23 -42.74 19.04
CA PRO D 113 13.78 -43.87 18.22
C PRO D 113 12.31 -43.80 17.79
N LYS D 114 11.41 -44.04 18.73
CA LYS D 114 9.97 -44.02 18.50
C LYS D 114 9.54 -43.42 17.16
N TYR D 115 8.71 -44.15 16.44
CA TYR D 115 8.18 -43.73 15.15
C TYR D 115 9.28 -43.55 14.11
N PRO D 116 10.08 -44.61 13.87
CA PRO D 116 11.18 -44.60 12.90
C PRO D 116 10.75 -44.44 11.45
N GLY D 117 9.46 -44.54 11.18
CA GLY D 117 9.00 -44.42 9.81
C GLY D 117 7.94 -43.38 9.50
N LEU D 118 7.02 -43.73 8.60
CA LEU D 118 5.94 -42.83 8.18
C LEU D 118 4.88 -42.59 9.25
N HIS D 119 4.01 -41.62 8.96
CA HIS D 119 2.92 -41.27 9.86
C HIS D 119 3.39 -41.02 11.30
N THR D 120 4.44 -40.20 11.44
CA THR D 120 4.98 -39.88 12.75
C THR D 120 4.02 -39.05 13.60
N HIS D 121 3.50 -37.97 13.00
CA HIS D 121 2.59 -37.06 13.67
C HIS D 121 1.31 -37.73 14.16
N ARG D 122 0.77 -38.66 13.37
CA ARG D 122 -0.46 -39.34 13.75
C ARG D 122 -0.22 -40.33 14.88
N GLN D 123 0.95 -40.95 14.90
CA GLN D 123 1.28 -41.91 15.94
C GLN D 123 1.47 -41.17 17.26
N ALA D 124 2.06 -39.98 17.18
CA ALA D 124 2.28 -39.17 18.37
C ALA D 124 0.96 -38.88 19.08
N LEU D 125 -0.04 -38.44 18.30
CA LEU D 125 -1.36 -38.13 18.83
C LEU D 125 -2.10 -39.38 19.30
N GLU D 126 -2.14 -40.40 18.45
CA GLU D 126 -2.83 -41.65 18.77
C GLU D 126 -2.29 -42.30 20.04
N ASN D 127 -1.00 -42.13 20.30
CA ASN D 127 -0.37 -42.71 21.47
C ASN D 127 -0.47 -41.80 22.69
N GLY D 128 -1.18 -40.69 22.53
CA GLY D 128 -1.35 -39.75 23.62
C GLY D 128 -0.07 -39.14 24.17
N ASP D 129 0.95 -39.02 23.32
CA ASP D 129 2.22 -38.44 23.77
C ASP D 129 2.04 -36.97 24.08
N GLU D 130 2.70 -36.51 25.14
CA GLU D 130 2.62 -35.10 25.53
C GLU D 130 3.88 -34.41 25.02
N GLU D 131 4.66 -35.16 24.24
CA GLU D 131 5.92 -34.67 23.69
C GLU D 131 6.12 -35.17 22.26
N HIS D 132 6.43 -34.25 21.35
CA HIS D 132 6.68 -34.57 19.94
C HIS D 132 7.75 -33.61 19.45
N GLY D 133 8.23 -33.80 18.23
CA GLY D 133 9.27 -32.91 17.73
C GLY D 133 9.92 -33.38 16.46
N THR D 134 11.17 -32.95 16.25
CA THR D 134 11.90 -33.33 15.05
C THR D 134 13.33 -33.76 15.37
N SER D 135 13.90 -34.60 14.51
CA SER D 135 15.25 -35.08 14.70
C SER D 135 16.08 -35.03 13.43
N VAL D 136 17.28 -34.43 13.52
CA VAL D 136 18.19 -34.37 12.38
C VAL D 136 19.23 -35.45 12.67
N HIS D 137 19.56 -36.27 11.67
CA HIS D 137 20.51 -37.35 11.91
C HIS D 137 21.36 -37.72 10.71
N PHE D 138 22.44 -38.45 10.98
CA PHE D 138 23.33 -38.94 9.93
C PHE D 138 22.65 -40.19 9.39
N VAL D 139 22.57 -40.31 8.06
CA VAL D 139 21.96 -41.48 7.45
C VAL D 139 23.05 -42.54 7.29
N THR D 140 22.82 -43.73 7.84
CA THR D 140 23.79 -44.80 7.75
C THR D 140 23.11 -46.13 7.45
N ASP D 141 23.91 -47.15 7.18
CA ASP D 141 23.42 -48.49 6.88
C ASP D 141 22.66 -49.07 8.07
N GLU D 142 22.85 -48.47 9.24
CA GLU D 142 22.16 -48.93 10.45
C GLU D 142 20.68 -49.10 10.14
N LEU D 143 20.00 -49.96 10.90
CA LEU D 143 18.58 -50.19 10.66
C LEU D 143 17.69 -49.21 11.40
N ASP D 144 18.29 -48.41 12.29
CA ASP D 144 17.51 -47.43 13.04
C ASP D 144 17.59 -46.04 12.39
N GLY D 145 18.28 -45.97 11.25
CA GLY D 145 18.41 -44.70 10.54
C GLY D 145 19.79 -44.08 10.59
N GLY D 146 20.38 -44.07 11.78
CA GLY D 146 21.71 -43.50 11.92
C GLY D 146 21.79 -42.64 13.17
N PRO D 147 22.99 -42.28 13.62
CA PRO D 147 23.18 -41.45 14.81
C PRO D 147 22.43 -40.11 14.78
N VAL D 148 21.70 -39.83 15.85
CA VAL D 148 20.96 -38.58 15.96
C VAL D 148 21.95 -37.47 16.30
N ILE D 149 21.83 -36.33 15.63
CA ILE D 149 22.72 -35.20 15.86
C ILE D 149 22.08 -34.14 16.75
N LEU D 150 20.80 -33.91 16.57
CA LEU D 150 20.09 -32.91 17.38
C LEU D 150 18.58 -33.04 17.26
N GLN D 151 17.90 -32.96 18.39
CA GLN D 151 16.44 -33.03 18.41
C GLN D 151 15.88 -31.75 19.01
N ALA D 152 14.66 -31.43 18.62
CA ALA D 152 13.95 -30.26 19.12
C ALA D 152 12.56 -30.75 19.51
N LYS D 153 12.20 -30.58 20.78
CA LYS D 153 10.91 -31.01 21.29
C LYS D 153 9.88 -29.89 21.27
N VAL D 154 8.63 -30.26 21.05
CA VAL D 154 7.50 -29.33 21.02
C VAL D 154 6.42 -29.91 21.93
N PRO D 155 6.04 -29.18 22.99
CA PRO D 155 5.01 -29.67 23.91
C PRO D 155 3.64 -29.81 23.24
N VAL D 156 2.89 -30.83 23.63
CA VAL D 156 1.56 -31.07 23.09
C VAL D 156 0.49 -30.79 24.14
N PHE D 157 -0.42 -29.86 23.85
CA PHE D 157 -1.48 -29.51 24.78
C PHE D 157 -2.87 -29.91 24.29
N ALA D 158 -3.80 -30.06 25.23
CA ALA D 158 -5.17 -30.42 24.91
C ALA D 158 -5.73 -29.33 24.01
N GLY D 159 -6.26 -29.72 22.86
CA GLY D 159 -6.81 -28.76 21.94
C GLY D 159 -5.98 -28.66 20.67
N ASP D 160 -4.67 -28.84 20.81
CA ASP D 160 -3.77 -28.79 19.67
C ASP D 160 -4.19 -29.80 18.62
N SER D 161 -4.34 -29.35 17.38
CA SER D 161 -4.75 -30.24 16.30
C SER D 161 -3.54 -30.69 15.49
N GLU D 162 -3.79 -31.57 14.52
CA GLU D 162 -2.75 -32.11 13.66
C GLU D 162 -1.94 -30.98 13.00
N ASP D 163 -2.64 -29.97 12.50
CA ASP D 163 -2.02 -28.84 11.83
C ASP D 163 -1.25 -27.92 12.79
N ASP D 164 -1.90 -27.51 13.86
CA ASP D 164 -1.27 -26.61 14.84
C ASP D 164 0.06 -27.18 15.33
N ILE D 165 0.11 -28.49 15.54
CA ILE D 165 1.32 -29.15 16.01
C ILE D 165 2.34 -29.29 14.88
N THR D 166 1.92 -29.89 13.76
CA THR D 166 2.83 -30.07 12.63
C THR D 166 3.57 -28.77 12.33
N ALA D 167 2.85 -27.64 12.45
CA ALA D 167 3.43 -26.34 12.20
C ALA D 167 4.45 -25.95 13.27
N ARG D 168 4.19 -26.32 14.52
CA ARG D 168 5.13 -26.01 15.59
C ARG D 168 6.39 -26.85 15.44
N VAL D 169 6.24 -28.06 14.90
CA VAL D 169 7.39 -28.94 14.68
C VAL D 169 8.22 -28.38 13.54
N GLN D 170 7.54 -27.90 12.50
CA GLN D 170 8.21 -27.32 11.35
C GLN D 170 9.03 -26.10 11.73
N THR D 171 8.50 -25.27 12.63
CA THR D 171 9.23 -24.09 13.06
C THR D 171 10.56 -24.50 13.67
N GLN D 172 10.57 -25.63 14.37
CA GLN D 172 11.78 -26.13 14.99
C GLN D 172 12.71 -26.71 13.93
N GLU D 173 12.14 -27.32 12.90
CA GLU D 173 12.94 -27.88 11.82
C GLU D 173 13.76 -26.79 11.14
N HIS D 174 13.10 -25.70 10.78
CA HIS D 174 13.75 -24.58 10.11
C HIS D 174 14.87 -23.98 10.94
N ALA D 175 14.85 -24.28 12.23
CA ALA D 175 15.87 -23.78 13.14
C ALA D 175 17.04 -24.74 13.28
N ILE D 176 16.76 -25.99 13.62
CA ILE D 176 17.82 -26.96 13.84
C ILE D 176 18.55 -27.51 12.62
N TYR D 177 17.88 -27.57 11.47
CA TYR D 177 18.57 -28.12 10.30
C TYR D 177 19.70 -27.21 9.83
N PRO D 178 19.42 -25.91 9.62
CA PRO D 178 20.48 -25.01 9.18
C PRO D 178 21.63 -24.96 10.20
N LEU D 179 21.29 -25.10 11.48
CA LEU D 179 22.31 -25.09 12.53
C LEU D 179 23.22 -26.30 12.38
N VAL D 180 22.62 -27.48 12.24
CA VAL D 180 23.40 -28.70 12.08
C VAL D 180 24.26 -28.59 10.83
N ILE D 181 23.69 -28.07 9.75
CA ILE D 181 24.44 -27.95 8.51
C ILE D 181 25.61 -26.99 8.73
N SER D 182 25.43 -26.00 9.58
CA SER D 182 26.50 -25.05 9.88
C SER D 182 27.62 -25.77 10.64
N TRP D 183 27.25 -26.65 11.57
CA TRP D 183 28.23 -27.40 12.33
C TRP D 183 29.05 -28.26 11.38
N PHE D 184 28.38 -28.87 10.43
CA PHE D 184 29.06 -29.72 9.47
C PHE D 184 30.02 -28.89 8.60
N ALA D 185 29.55 -27.76 8.10
CA ALA D 185 30.37 -26.92 7.25
C ALA D 185 31.61 -26.41 7.98
N ASP D 186 31.48 -26.14 9.27
CA ASP D 186 32.61 -25.65 10.06
C ASP D 186 33.56 -26.77 10.49
N GLY D 187 33.22 -28.00 10.09
CA GLY D 187 34.07 -29.13 10.42
C GLY D 187 34.03 -29.58 11.86
N ARG D 188 32.98 -29.20 12.57
CA ARG D 188 32.83 -29.54 13.98
C ARG D 188 32.01 -30.82 14.16
N LEU D 189 31.25 -31.18 13.12
CA LEU D 189 30.40 -32.36 13.15
C LEU D 189 30.90 -33.45 12.22
N LYS D 190 31.19 -34.61 12.78
CA LYS D 190 31.69 -35.73 11.99
C LYS D 190 31.11 -37.06 12.44
N MET D 191 31.24 -38.06 11.58
CA MET D 191 30.74 -39.40 11.88
C MET D 191 31.82 -40.46 11.81
N HIS D 192 32.07 -41.13 12.92
CA HIS D 192 33.05 -42.22 12.97
C HIS D 192 32.65 -43.16 14.10
N GLU D 193 32.69 -44.46 13.80
CA GLU D 193 32.31 -45.48 14.77
C GLU D 193 30.79 -45.44 14.93
N ASN D 194 30.11 -45.21 13.81
CA ASN D 194 28.65 -45.12 13.75
C ASN D 194 28.04 -44.31 14.89
N ALA D 195 28.60 -43.13 15.12
CA ALA D 195 28.13 -42.24 16.16
C ALA D 195 28.39 -40.82 15.67
N ALA D 196 27.59 -39.87 16.14
CA ALA D 196 27.77 -38.48 15.75
C ALA D 196 28.72 -37.85 16.76
N TRP D 197 29.65 -37.04 16.28
CA TRP D 197 30.60 -36.38 17.16
C TRP D 197 30.64 -34.88 16.90
N LEU D 198 30.37 -34.09 17.93
CA LEU D 198 30.39 -32.64 17.81
C LEU D 198 31.56 -32.13 18.65
N ASP D 199 32.48 -31.43 18.01
CA ASP D 199 33.66 -30.89 18.67
C ASP D 199 34.45 -31.99 19.38
N GLY D 200 34.59 -33.12 18.70
CA GLY D 200 35.35 -34.23 19.25
C GLY D 200 34.71 -35.00 20.39
N GLN D 201 33.42 -34.77 20.62
CA GLN D 201 32.73 -35.46 21.70
C GLN D 201 31.53 -36.26 21.18
N ARG D 202 31.49 -37.55 21.52
CA ARG D 202 30.41 -38.43 21.09
C ARG D 202 29.08 -37.96 21.65
N LEU D 203 28.10 -37.78 20.77
CA LEU D 203 26.78 -37.34 21.20
C LEU D 203 25.93 -38.52 21.66
N PRO D 204 25.08 -38.29 22.68
CA PRO D 204 24.24 -39.37 23.20
C PRO D 204 23.25 -39.83 22.14
N PRO D 205 22.56 -40.96 22.39
CA PRO D 205 21.59 -41.51 21.44
C PRO D 205 20.54 -40.52 20.92
N GLN D 206 20.16 -39.55 21.75
CA GLN D 206 19.15 -38.58 21.33
C GLN D 206 19.73 -37.28 20.77
N GLY D 207 21.03 -37.27 20.50
CA GLY D 207 21.66 -36.09 19.95
C GLY D 207 22.15 -35.12 20.99
N TYR D 208 22.68 -33.98 20.52
CA TYR D 208 23.21 -32.94 21.40
C TYR D 208 22.21 -32.61 22.50
N ALA D 209 22.64 -32.74 23.76
CA ALA D 209 21.79 -32.46 24.90
C ALA D 209 22.38 -31.36 25.78
#